data_6BRH
#
_entry.id   6BRH
#
_cell.length_a   112.031
_cell.length_b   130.053
_cell.length_c   90.765
_cell.angle_alpha   90.00
_cell.angle_beta   90.00
_cell.angle_gamma   90.00
#
_symmetry.space_group_name_H-M   'P 21 21 2'
#
loop_
_entity.id
_entity.type
_entity.pdbx_description
1 polymer 'Deoxynucleoside triphosphate triphosphohydrolase SAMHD1'
2 non-polymer 'MAGNESIUM ION'
3 non-polymer "2'-DEOXYGUANOSINE-5'-TRIPHOSPHATE"
4 water water
#
_entity_poly.entity_id   1
_entity_poly.type   'polypeptide(L)'
_entity_poly.pdbx_seq_one_letter_code
;MGSSHHHHHHSSGLMDSLLGCGVSAAAREPVPRYLTSQPRVSEVAMQSAPLEQPAKRPRCDGSPRTPPSTPPATANLSAD
DDFQNTDLRTWEPEDVCSFLENRGFREKKVLDIFRDNKIAGSFLPFLDEDRLEDLGVSSLEERKKMIECIQQLSQSRIDL
MKVFNDPIHGHIEFHPLLIRIIDTPQFQRLRYIKQLGGGYYVFPGASHNRFEHSLGVGYLAGCLVRALAEKQPELQISER
DILCVQIAGLCHDLGHGPFSHMFDGRFIPRARPEKKWKHEQGSIEMFEHLVNSNELKLVMKNYGLVPEEDITFIKEQIMG
PPITPVKDSLWPYKGRPATKSFLYEIVSNKRNGIDVDKWDYFARDCHHLGIQNNFDYKRFIKFARICEVEYKVKEDKTYI
RKVKHICSREKEVGNLYDMFHTRNCLHRRAYQHKISNLIDIMITDAFLKADPYVEITGTAGKKFRISTAIDDMEAFTKLT
DNIFLEVLHSTDPQLSEAQSILRNIECRNLYKYLGETQPKREKIRKEEYERLPQEVAKAKPEKAPDVELKAEDFIVDVIN
VDYGMEDKNPIDRVHFYCKSNSKQAVRINKEQVSQLLPEKFAEQLIRVYCKKKDGKSLDAAGKHFVQWCALRDFTKPQDG
DIIAPLITPLKWNNKTSSCLQEVSKVKTCLKF
;
_entity_poly.pdbx_strand_id   A,B
#
loop_
_chem_comp.id
_chem_comp.type
_chem_comp.name
_chem_comp.formula
DGT non-polymer 2'-DEOXYGUANOSINE-5'-TRIPHOSPHATE 'C10 H16 N5 O13 P3'
MG non-polymer 'MAGNESIUM ION' 'Mg 2'
#
# COMPACT_ATOMS: atom_id res chain seq x y z
N THR A 86 7.06 23.50 -31.18
CA THR A 86 6.61 23.36 -29.78
C THR A 86 5.55 22.27 -29.68
N ASP A 87 4.98 22.12 -28.48
CA ASP A 87 3.84 21.24 -28.26
C ASP A 87 2.57 22.08 -28.31
N LEU A 88 1.45 21.43 -28.62
CA LEU A 88 0.18 22.13 -28.59
C LEU A 88 -0.20 22.35 -27.14
N ARG A 89 0.35 21.52 -26.26
CA ARG A 89 0.07 21.59 -24.84
C ARG A 89 0.40 22.97 -24.29
N THR A 90 1.49 23.54 -24.79
CA THR A 90 1.95 24.85 -24.35
C THR A 90 1.10 25.99 -24.88
N TRP A 91 0.36 25.74 -25.97
CA TRP A 91 -0.38 26.80 -26.64
C TRP A 91 -1.57 27.33 -25.86
N GLU A 92 -1.59 28.64 -25.63
CA GLU A 92 -2.78 29.33 -25.13
C GLU A 92 -3.82 29.36 -26.26
N PRO A 93 -5.03 29.84 -25.98
CA PRO A 93 -6.03 29.92 -27.05
C PRO A 93 -5.63 30.85 -28.21
N GLU A 94 -5.06 32.00 -27.87
CA GLU A 94 -4.62 32.96 -28.88
C GLU A 94 -3.52 32.37 -29.76
N ASP A 95 -2.67 31.53 -29.17
CA ASP A 95 -1.63 30.85 -29.92
C ASP A 95 -2.27 29.95 -30.98
N VAL A 96 -3.32 29.23 -30.59
CA VAL A 96 -4.10 28.41 -31.52
C VAL A 96 -4.72 29.30 -32.60
N CYS A 97 -5.23 30.46 -32.20
CA CYS A 97 -5.81 31.40 -33.14
C CYS A 97 -4.78 31.88 -34.17
N SER A 98 -3.56 32.16 -33.71
CA SER A 98 -2.49 32.57 -34.62
C SER A 98 -2.11 31.42 -35.54
N PHE A 99 -2.02 30.21 -34.99
CA PHE A 99 -1.78 29.03 -35.82
C PHE A 99 -2.86 28.89 -36.89
N LEU A 100 -4.12 29.05 -36.50
CA LEU A 100 -5.23 28.94 -37.44
C LEU A 100 -5.18 30.04 -38.50
N GLU A 101 -4.86 31.25 -38.08
CA GLU A 101 -4.72 32.36 -39.02
C GLU A 101 -3.60 32.12 -40.03
N ASN A 102 -2.41 31.82 -39.53
CA ASN A 102 -1.26 31.67 -40.39
C ASN A 102 -1.31 30.37 -41.19
N ARG A 103 -2.35 29.57 -40.95
CA ARG A 103 -2.62 28.39 -41.77
C ARG A 103 -3.81 28.63 -42.72
N GLY A 104 -4.32 29.86 -42.75
CA GLY A 104 -5.29 30.27 -43.76
C GLY A 104 -6.69 30.63 -43.27
N PHE A 105 -7.03 30.28 -42.03
CA PHE A 105 -8.33 30.65 -41.47
C PHE A 105 -8.27 32.01 -40.78
N ARG A 106 -8.60 33.07 -41.53
CA ARG A 106 -8.38 34.43 -41.05
C ARG A 106 -9.69 35.19 -40.77
N GLU A 107 -10.80 34.46 -40.68
CA GLU A 107 -12.10 35.09 -40.46
C GLU A 107 -12.40 35.19 -38.96
N LYS A 108 -12.56 36.43 -38.50
CA LYS A 108 -12.62 36.75 -37.07
C LYS A 108 -13.69 35.99 -36.29
N LYS A 109 -14.77 35.59 -36.96
CA LYS A 109 -15.83 34.85 -36.28
C LYS A 109 -15.28 33.51 -35.78
N VAL A 110 -14.60 32.79 -36.66
CA VAL A 110 -14.04 31.49 -36.34
C VAL A 110 -12.96 31.62 -35.25
N LEU A 111 -12.18 32.70 -35.29
CA LEU A 111 -11.18 32.95 -34.26
C LEU A 111 -11.85 33.28 -32.92
N ASP A 112 -12.97 33.99 -33.01
CA ASP A 112 -13.76 34.32 -31.84
C ASP A 112 -14.29 33.05 -31.18
N ILE A 113 -14.77 32.11 -31.99
CA ILE A 113 -15.15 30.79 -31.46
C ILE A 113 -14.06 30.25 -30.53
N PHE A 114 -12.82 30.23 -31.04
CA PHE A 114 -11.70 29.64 -30.30
C PHE A 114 -11.30 30.45 -29.06
N ARG A 115 -11.28 31.78 -29.17
CA ARG A 115 -11.03 32.59 -27.97
C ARG A 115 -12.10 32.37 -26.91
N ASP A 116 -13.37 32.36 -27.32
CA ASP A 116 -14.49 32.29 -26.38
C ASP A 116 -14.51 31.00 -25.55
N ASN A 117 -14.29 29.86 -26.20
CA ASN A 117 -14.33 28.57 -25.50
C ASN A 117 -12.99 28.20 -24.88
N LYS A 118 -12.01 29.10 -25.00
CA LYS A 118 -10.69 28.89 -24.43
C LYS A 118 -10.08 27.57 -24.88
N ILE A 119 -10.16 27.31 -26.18
CA ILE A 119 -9.67 26.06 -26.76
C ILE A 119 -8.15 26.11 -26.91
N ALA A 120 -7.45 25.85 -25.81
CA ALA A 120 -6.00 25.77 -25.84
C ALA A 120 -5.58 24.64 -26.76
N GLY A 121 -4.29 24.59 -27.09
CA GLY A 121 -3.81 23.65 -28.08
C GLY A 121 -4.12 22.20 -27.77
N SER A 122 -4.07 21.83 -26.50
CA SER A 122 -4.15 20.44 -26.11
C SER A 122 -5.42 19.76 -26.62
N PHE A 123 -6.46 20.56 -26.85
CA PHE A 123 -7.74 20.03 -27.29
C PHE A 123 -7.77 19.69 -28.78
N LEU A 124 -6.90 20.35 -29.55
CA LEU A 124 -7.00 20.32 -31.01
C LEU A 124 -7.08 18.91 -31.63
N PRO A 125 -6.20 17.99 -31.19
CA PRO A 125 -6.23 16.67 -31.81
C PRO A 125 -7.45 15.83 -31.43
N PHE A 126 -8.37 16.40 -30.66
CA PHE A 126 -9.57 15.69 -30.24
C PHE A 126 -10.82 16.32 -30.82
N LEU A 127 -10.62 17.29 -31.71
CA LEU A 127 -11.73 17.96 -32.38
C LEU A 127 -12.26 17.13 -33.55
N ASP A 128 -13.55 17.28 -33.81
CA ASP A 128 -14.25 16.53 -34.85
C ASP A 128 -14.76 17.46 -35.92
N GLU A 129 -15.19 16.88 -37.04
CA GLU A 129 -15.93 17.65 -38.02
C GLU A 129 -17.21 18.14 -37.34
N ASP A 130 -17.82 17.25 -36.57
CA ASP A 130 -19.08 17.52 -35.89
C ASP A 130 -18.87 18.48 -34.73
N ARG A 131 -17.72 18.38 -34.08
CA ARG A 131 -17.40 19.30 -33.00
C ARG A 131 -17.24 20.70 -33.57
N LEU A 132 -16.52 20.79 -34.69
CA LEU A 132 -16.33 22.07 -35.34
C LEU A 132 -17.67 22.60 -35.84
N GLU A 133 -18.52 21.68 -36.28
CA GLU A 133 -19.89 22.04 -36.62
C GLU A 133 -20.63 22.63 -35.41
N ASP A 134 -20.57 21.93 -34.27
CA ASP A 134 -21.32 22.34 -33.07
C ASP A 134 -20.78 23.62 -32.44
N LEU A 135 -19.46 23.79 -32.44
CA LEU A 135 -18.84 25.02 -31.96
C LEU A 135 -19.35 26.20 -32.79
N GLY A 136 -19.59 25.91 -34.05
CA GLY A 136 -20.24 26.85 -34.95
C GLY A 136 -19.36 27.33 -36.07
N VAL A 137 -18.91 26.41 -36.90
CA VAL A 137 -18.37 26.76 -38.21
C VAL A 137 -19.23 26.01 -39.23
N SER A 138 -19.92 26.77 -40.07
CA SER A 138 -20.94 26.23 -40.94
C SER A 138 -20.42 25.98 -42.35
N SER A 139 -19.10 26.00 -42.48
CA SER A 139 -18.43 25.78 -43.76
C SER A 139 -18.06 24.31 -43.88
N LEU A 140 -18.92 23.56 -44.56
CA LEU A 140 -18.85 22.10 -44.64
C LEU A 140 -17.49 21.60 -45.12
N GLU A 141 -16.77 22.44 -45.89
CA GLU A 141 -15.43 22.09 -46.36
C GLU A 141 -14.33 22.63 -45.46
N GLU A 142 -14.58 23.80 -44.87
CA GLU A 142 -13.60 24.43 -43.97
C GLU A 142 -13.25 23.52 -42.78
N ARG A 143 -14.26 22.83 -42.26
CA ARG A 143 -14.08 21.92 -41.13
C ARG A 143 -13.06 20.84 -41.48
N LYS A 144 -13.22 20.30 -42.68
CA LYS A 144 -12.34 19.26 -43.19
C LYS A 144 -10.90 19.75 -43.26
N LYS A 145 -10.72 20.94 -43.82
CA LYS A 145 -9.38 21.49 -43.98
C LYS A 145 -8.76 21.85 -42.62
N MET A 146 -9.60 22.35 -41.71
CA MET A 146 -9.19 22.59 -40.33
C MET A 146 -8.61 21.32 -39.70
N ILE A 147 -9.39 20.25 -39.78
CA ILE A 147 -8.96 18.97 -39.23
C ILE A 147 -7.72 18.46 -39.96
N GLU A 148 -7.63 18.66 -41.27
CA GLU A 148 -6.42 18.31 -42.01
C GLU A 148 -5.20 19.01 -41.41
N CYS A 149 -5.31 20.32 -41.19
CA CYS A 149 -4.23 21.08 -40.57
C CYS A 149 -3.89 20.48 -39.23
N ILE A 150 -4.90 20.16 -38.43
CA ILE A 150 -4.63 19.51 -37.14
C ILE A 150 -3.96 18.14 -37.29
N GLN A 151 -4.34 17.38 -38.32
CA GLN A 151 -3.73 16.08 -38.57
C GLN A 151 -2.26 16.19 -38.94
N GLN A 152 -1.94 17.16 -39.79
CA GLN A 152 -0.54 17.36 -40.22
C GLN A 152 0.42 17.60 -39.04
N LEU A 153 -0.10 18.06 -37.91
CA LEU A 153 0.75 18.41 -36.76
C LEU A 153 1.52 17.21 -36.21
N SER A 154 2.66 17.51 -35.59
CA SER A 154 3.50 16.52 -34.93
C SER A 154 2.71 15.64 -33.97
N GLN A 155 2.06 16.27 -33.00
CA GLN A 155 1.40 15.55 -31.92
C GLN A 155 -0.02 15.15 -32.27
N SER A 156 -0.32 13.85 -32.10
CA SER A 156 -1.62 13.27 -32.40
C SER A 156 -2.43 12.96 -31.14
N ARG A 157 -3.59 12.34 -31.32
CA ARG A 157 -4.41 11.82 -30.22
C ARG A 157 -3.62 10.88 -29.35
N ILE A 158 -3.03 9.86 -29.98
CA ILE A 158 -2.32 8.82 -29.26
C ILE A 158 -1.07 9.37 -28.58
N ASP A 159 -0.66 10.57 -28.98
CA ASP A 159 0.56 11.19 -28.48
C ASP A 159 0.30 12.01 -27.21
N LEU A 160 -0.98 12.14 -26.84
CA LEU A 160 -1.36 12.89 -25.64
C LEU A 160 -2.12 12.02 -24.65
N MET A 161 -2.25 10.73 -24.97
CA MET A 161 -2.74 9.75 -24.01
C MET A 161 -1.67 9.57 -22.96
N LYS A 162 -2.05 9.10 -21.77
CA LYS A 162 -1.03 8.70 -20.79
C LYS A 162 -1.14 7.23 -20.48
N VAL A 163 0.03 6.59 -20.38
CA VAL A 163 0.10 5.14 -20.20
C VAL A 163 0.51 4.77 -18.77
N PHE A 164 -0.43 4.22 -18.03
CA PHE A 164 -0.17 3.65 -16.72
C PHE A 164 0.24 2.19 -16.83
N ASN A 165 1.20 1.78 -16.02
CA ASN A 165 1.62 0.39 -15.95
C ASN A 165 1.04 -0.30 -14.71
N ASP A 166 0.02 -1.11 -14.95
CA ASP A 166 -0.70 -1.82 -13.92
C ASP A 166 -0.30 -3.29 -13.93
N PRO A 167 -0.07 -3.88 -12.75
CA PRO A 167 0.26 -5.31 -12.73
C PRO A 167 -0.94 -6.22 -12.94
N ILE A 168 -2.16 -5.68 -12.86
CA ILE A 168 -3.34 -6.48 -13.12
C ILE A 168 -3.68 -6.43 -14.61
N HIS A 169 -3.51 -5.26 -15.21
CA HIS A 169 -4.01 -5.03 -16.56
C HIS A 169 -2.92 -4.72 -17.58
N GLY A 170 -1.66 -4.72 -17.14
CA GLY A 170 -0.57 -4.45 -18.05
C GLY A 170 -0.55 -2.96 -18.28
N HIS A 171 -0.37 -2.53 -19.51
CA HIS A 171 -0.35 -1.09 -19.78
C HIS A 171 -1.75 -0.56 -19.96
N ILE A 172 -1.93 0.73 -19.67
CA ILE A 172 -3.25 1.34 -19.64
C ILE A 172 -3.22 2.77 -20.19
N GLU A 173 -3.89 3.00 -21.31
CA GLU A 173 -3.96 4.34 -21.89
C GLU A 173 -5.13 5.10 -21.30
N PHE A 174 -4.89 6.36 -20.94
CA PHE A 174 -5.96 7.24 -20.52
C PHE A 174 -5.96 8.54 -21.31
N HIS A 175 -7.14 8.85 -21.84
CA HIS A 175 -7.46 10.11 -22.48
C HIS A 175 -7.21 11.27 -21.51
N PRO A 176 -6.59 12.37 -21.99
CA PRO A 176 -6.10 13.44 -21.10
C PRO A 176 -7.13 13.97 -20.09
N LEU A 177 -8.39 14.06 -20.48
CA LEU A 177 -9.44 14.49 -19.57
C LEU A 177 -9.43 13.61 -18.31
N LEU A 178 -9.35 12.31 -18.52
CA LEU A 178 -9.30 11.38 -17.41
C LEU A 178 -8.12 11.73 -16.51
N ILE A 179 -6.97 12.02 -17.11
CA ILE A 179 -5.81 12.46 -16.33
C ILE A 179 -6.13 13.73 -15.54
N ARG A 180 -6.80 14.68 -16.16
CA ARG A 180 -7.16 15.91 -15.46
C ARG A 180 -8.03 15.61 -14.25
N ILE A 181 -8.98 14.69 -14.40
CA ILE A 181 -9.77 14.26 -13.25
C ILE A 181 -8.90 13.57 -12.20
N ILE A 182 -8.06 12.64 -12.66
CA ILE A 182 -7.17 11.87 -11.80
C ILE A 182 -6.23 12.75 -10.96
N ASP A 183 -5.66 13.78 -11.59
CA ASP A 183 -4.67 14.63 -10.92
C ASP A 183 -5.33 15.77 -10.13
N THR A 184 -6.16 15.40 -9.17
CA THR A 184 -6.78 16.38 -8.28
C THR A 184 -6.66 15.87 -6.85
N PRO A 185 -6.61 16.79 -5.86
CA PRO A 185 -6.74 16.42 -4.46
C PRO A 185 -7.85 15.39 -4.22
N GLN A 186 -9.03 15.69 -4.76
CA GLN A 186 -10.23 14.88 -4.59
C GLN A 186 -9.98 13.43 -4.96
N PHE A 187 -9.25 13.22 -6.05
CA PHE A 187 -8.98 11.88 -6.56
C PHE A 187 -7.71 11.29 -5.96
N GLN A 188 -6.66 12.09 -5.90
CA GLN A 188 -5.39 11.61 -5.38
C GLN A 188 -5.55 11.10 -3.95
N ARG A 189 -6.48 11.70 -3.20
CA ARG A 189 -6.81 11.24 -1.86
C ARG A 189 -7.03 9.70 -1.77
N LEU A 190 -7.42 9.08 -2.87
CA LEU A 190 -7.65 7.63 -2.89
C LEU A 190 -6.36 6.82 -2.77
N ARG A 191 -5.22 7.49 -2.84
CA ARG A 191 -3.93 6.81 -2.64
C ARG A 191 -3.74 6.42 -1.17
N TYR A 192 -4.58 6.97 -0.29
CA TYR A 192 -4.39 6.90 1.15
C TYR A 192 -5.55 6.21 1.84
N ILE A 193 -6.22 5.32 1.12
CA ILE A 193 -7.30 4.51 1.67
C ILE A 193 -7.12 3.06 1.24
N LYS A 194 -6.77 2.20 2.20
CA LYS A 194 -6.53 0.79 1.91
C LYS A 194 -7.81 0.17 1.40
N GLN A 195 -7.71 -0.60 0.33
CA GLN A 195 -8.87 -1.22 -0.29
C GLN A 195 -9.59 -2.11 0.73
N LEU A 196 -8.83 -3.01 1.35
CA LEU A 196 -9.42 -3.99 2.24
C LEU A 196 -9.42 -3.51 3.71
N GLY A 197 -9.14 -2.25 3.92
CA GLY A 197 -9.20 -1.65 5.24
C GLY A 197 -8.39 -2.41 6.28
N GLY A 198 -9.08 -3.09 7.19
CA GLY A 198 -8.42 -3.86 8.22
C GLY A 198 -7.69 -5.04 7.64
N GLY A 199 -8.11 -5.47 6.45
CA GLY A 199 -7.47 -6.54 5.69
C GLY A 199 -5.96 -6.53 5.75
N TYR A 200 -5.37 -5.37 5.53
CA TYR A 200 -3.91 -5.23 5.50
C TYR A 200 -3.26 -5.77 6.77
N TYR A 201 -4.01 -5.75 7.87
CA TYR A 201 -3.50 -6.18 9.16
C TYR A 201 -3.70 -7.68 9.37
N VAL A 202 -4.27 -8.35 8.37
CA VAL A 202 -4.40 -9.80 8.38
C VAL A 202 -3.67 -10.41 7.18
N PHE A 203 -3.82 -9.78 6.02
CA PHE A 203 -3.13 -10.18 4.80
C PHE A 203 -2.10 -9.13 4.46
N PRO A 204 -0.82 -9.39 4.80
CA PRO A 204 0.20 -8.37 4.58
C PRO A 204 0.41 -8.03 3.11
N GLY A 205 -0.08 -8.91 2.21
CA GLY A 205 -0.03 -8.61 0.80
C GLY A 205 -0.97 -7.48 0.41
N ALA A 206 -2.05 -7.33 1.18
CA ALA A 206 -3.16 -6.46 0.82
C ALA A 206 -2.86 -5.03 1.22
N SER A 207 -1.86 -4.45 0.59
CA SER A 207 -1.42 -3.09 0.87
C SER A 207 -2.04 -2.09 -0.09
N HIS A 208 -2.80 -2.61 -1.05
CA HIS A 208 -3.32 -1.79 -2.14
C HIS A 208 -4.44 -0.86 -1.72
N ASN A 209 -4.49 0.28 -2.40
CA ASN A 209 -5.46 1.32 -2.10
C ASN A 209 -6.47 1.50 -3.21
N ARG A 210 -7.47 2.33 -2.94
CA ARG A 210 -8.56 2.58 -3.87
C ARG A 210 -8.10 3.23 -5.17
N PHE A 211 -7.03 4.01 -5.11
CA PHE A 211 -6.55 4.75 -6.27
C PHE A 211 -6.33 3.85 -7.50
N GLU A 212 -5.51 2.83 -7.33
CA GLU A 212 -5.13 1.96 -8.44
C GLU A 212 -6.31 1.09 -8.89
N HIS A 213 -7.19 0.76 -7.95
CA HIS A 213 -8.39 0.01 -8.28
C HIS A 213 -9.33 0.88 -9.10
N SER A 214 -9.42 2.15 -8.73
CA SER A 214 -10.26 3.09 -9.45
C SER A 214 -9.74 3.25 -10.88
N LEU A 215 -8.43 3.43 -11.01
CA LEU A 215 -7.82 3.45 -12.35
C LEU A 215 -8.25 2.22 -13.14
N GLY A 216 -8.04 1.05 -12.55
CA GLY A 216 -8.42 -0.20 -13.18
C GLY A 216 -9.86 -0.23 -13.66
N VAL A 217 -10.78 0.16 -12.80
CA VAL A 217 -12.20 0.19 -13.17
C VAL A 217 -12.47 1.13 -14.33
N GLY A 218 -11.89 2.32 -14.29
CA GLY A 218 -11.97 3.24 -15.41
C GLY A 218 -11.58 2.55 -16.70
N TYR A 219 -10.39 1.94 -16.69
CA TYR A 219 -9.86 1.28 -17.87
C TYR A 219 -10.80 0.18 -18.38
N LEU A 220 -11.23 -0.71 -17.49
CA LEU A 220 -12.11 -1.80 -17.89
C LEU A 220 -13.43 -1.28 -18.47
N ALA A 221 -14.02 -0.29 -17.80
CA ALA A 221 -15.23 0.34 -18.30
C ALA A 221 -15.01 0.77 -19.75
N GLY A 222 -13.91 1.50 -19.98
CA GLY A 222 -13.52 1.88 -21.32
C GLY A 222 -13.48 0.71 -22.28
N CYS A 223 -12.85 -0.39 -21.86
CA CYS A 223 -12.74 -1.57 -22.72
C CYS A 223 -14.12 -2.12 -23.13
N LEU A 224 -14.99 -2.39 -22.16
CA LEU A 224 -16.27 -2.99 -22.51
C LEU A 224 -17.09 -2.07 -23.40
N VAL A 225 -17.14 -0.78 -23.07
CA VAL A 225 -17.94 0.13 -23.89
C VAL A 225 -17.37 0.24 -25.32
N ARG A 226 -16.05 0.30 -25.46
CA ARG A 226 -15.44 0.26 -26.80
C ARG A 226 -15.85 -0.98 -27.57
N ALA A 227 -15.67 -2.14 -26.94
CA ALA A 227 -15.99 -3.41 -27.60
C ALA A 227 -17.43 -3.42 -28.11
N LEU A 228 -18.37 -3.07 -27.25
CA LEU A 228 -19.77 -3.02 -27.67
C LEU A 228 -19.97 -1.98 -28.76
N ALA A 229 -19.31 -0.84 -28.65
CA ALA A 229 -19.40 0.19 -29.68
C ALA A 229 -18.99 -0.32 -31.06
N GLU A 230 -17.81 -0.91 -31.19
CA GLU A 230 -17.40 -1.41 -32.51
C GLU A 230 -18.23 -2.60 -32.99
N LYS A 231 -18.46 -3.60 -32.13
CA LYS A 231 -19.17 -4.80 -32.58
C LYS A 231 -20.59 -4.51 -33.09
N GLN A 232 -21.20 -3.46 -32.54
CA GLN A 232 -22.54 -3.04 -32.91
C GLN A 232 -22.60 -1.52 -33.07
N PRO A 233 -22.19 -1.02 -34.25
CA PRO A 233 -22.19 0.43 -34.45
C PRO A 233 -23.60 0.98 -34.57
N GLU A 234 -24.56 0.09 -34.76
CA GLU A 234 -25.96 0.48 -34.79
C GLU A 234 -26.39 1.09 -33.45
N LEU A 235 -25.69 0.72 -32.39
CA LEU A 235 -26.02 1.21 -31.05
C LEU A 235 -25.84 2.71 -30.90
N GLN A 236 -25.10 3.32 -31.82
CA GLN A 236 -24.87 4.76 -31.82
C GLN A 236 -24.12 5.20 -30.57
N ILE A 237 -23.20 4.35 -30.10
CA ILE A 237 -22.38 4.68 -28.94
C ILE A 237 -21.24 5.61 -29.36
N SER A 238 -21.20 6.80 -28.77
CA SER A 238 -20.25 7.81 -29.19
C SER A 238 -19.04 7.88 -28.29
N GLU A 239 -18.04 8.67 -28.74
CA GLU A 239 -16.86 8.96 -27.92
C GLU A 239 -17.29 9.52 -26.58
N ARG A 240 -18.24 10.45 -26.63
CA ARG A 240 -18.80 11.11 -25.46
C ARG A 240 -19.30 10.08 -24.44
N ASP A 241 -20.11 9.15 -24.92
CA ASP A 241 -20.65 8.11 -24.06
C ASP A 241 -19.52 7.33 -23.43
N ILE A 242 -18.52 7.00 -24.24
CA ILE A 242 -17.39 6.19 -23.79
C ILE A 242 -16.64 6.90 -22.67
N LEU A 243 -16.37 8.20 -22.87
CA LEU A 243 -15.69 8.98 -21.84
C LEU A 243 -16.53 9.08 -20.58
N CYS A 244 -17.83 9.29 -20.71
CA CYS A 244 -18.68 9.34 -19.52
C CYS A 244 -18.64 8.02 -18.76
N VAL A 245 -18.63 6.91 -19.49
CA VAL A 245 -18.56 5.61 -18.85
C VAL A 245 -17.22 5.44 -18.15
N GLN A 246 -16.14 5.83 -18.82
CA GLN A 246 -14.82 5.77 -18.18
C GLN A 246 -14.75 6.65 -16.93
N ILE A 247 -15.30 7.85 -17.00
CA ILE A 247 -15.26 8.76 -15.87
C ILE A 247 -16.07 8.19 -14.70
N ALA A 248 -17.24 7.63 -15.02
CA ALA A 248 -18.02 6.94 -14.02
C ALA A 248 -17.16 5.85 -13.40
N GLY A 249 -16.48 5.10 -14.25
CA GLY A 249 -15.52 4.10 -13.81
C GLY A 249 -14.53 4.62 -12.80
N LEU A 250 -13.72 5.60 -13.20
CA LEU A 250 -12.73 6.21 -12.31
C LEU A 250 -13.27 6.58 -10.93
N CYS A 251 -14.48 7.12 -10.93
CA CYS A 251 -14.97 7.87 -9.79
C CYS A 251 -16.01 7.12 -8.95
N HIS A 252 -16.16 5.83 -9.17
CA HIS A 252 -17.17 5.05 -8.46
C HIS A 252 -16.86 4.90 -6.98
N ASP A 253 -15.57 5.02 -6.64
CA ASP A 253 -15.10 4.87 -5.28
C ASP A 253 -14.55 6.19 -4.73
N LEU A 254 -14.81 7.30 -5.44
CA LEU A 254 -14.33 8.62 -5.02
C LEU A 254 -14.70 8.95 -3.59
N GLY A 255 -15.83 8.42 -3.13
CA GLY A 255 -16.39 8.81 -1.85
C GLY A 255 -16.29 7.80 -0.72
N HIS A 256 -15.27 6.94 -0.77
CA HIS A 256 -14.96 6.07 0.37
C HIS A 256 -14.24 6.87 1.46
N GLY A 257 -14.47 6.50 2.72
CA GLY A 257 -13.77 7.12 3.83
C GLY A 257 -12.56 6.29 4.23
N PRO A 258 -11.91 6.67 5.35
CA PRO A 258 -10.78 5.90 5.86
C PRO A 258 -11.11 4.42 6.02
N PHE A 259 -10.22 3.55 5.54
CA PHE A 259 -10.38 2.10 5.67
C PHE A 259 -11.64 1.59 4.97
N SER A 260 -12.02 2.29 3.90
CA SER A 260 -12.99 1.80 2.92
C SER A 260 -14.36 1.48 3.52
N HIS A 261 -14.69 0.19 3.62
CA HIS A 261 -16.06 -0.22 3.93
C HIS A 261 -16.37 -0.11 5.42
N MET A 262 -15.32 -0.10 6.23
CA MET A 262 -15.46 0.11 7.66
C MET A 262 -16.14 1.44 7.91
N PHE A 263 -15.65 2.47 7.24
CA PHE A 263 -16.13 3.82 7.50
C PHE A 263 -17.62 3.94 7.20
N ASP A 264 -18.03 3.52 6.00
CA ASP A 264 -19.42 3.71 5.60
C ASP A 264 -20.32 2.61 6.14
N GLY A 265 -19.72 1.51 6.59
CA GLY A 265 -20.50 0.38 7.05
C GLY A 265 -20.51 0.10 8.54
N ARG A 266 -19.54 0.62 9.28
CA ARG A 266 -19.48 0.39 10.73
C ARG A 266 -19.52 1.68 11.54
N PHE A 267 -18.73 2.66 11.13
CA PHE A 267 -18.54 3.87 11.94
C PHE A 267 -19.68 4.89 11.81
N ILE A 268 -19.99 5.28 10.57
CA ILE A 268 -21.03 6.28 10.37
C ILE A 268 -22.40 5.78 10.88
N PRO A 269 -22.77 4.53 10.55
CA PRO A 269 -24.06 4.03 11.03
C PRO A 269 -24.10 4.02 12.54
N ARG A 270 -22.94 3.84 13.15
CA ARG A 270 -22.84 3.78 14.59
C ARG A 270 -22.78 5.17 15.18
N ALA A 271 -22.22 6.12 14.42
CA ALA A 271 -22.05 7.49 14.91
C ALA A 271 -23.15 8.43 14.47
N ARG A 272 -23.87 8.06 13.42
CA ARG A 272 -24.98 8.88 12.93
C ARG A 272 -26.12 7.95 12.52
N PRO A 273 -26.70 7.23 13.49
CA PRO A 273 -27.71 6.21 13.18
C PRO A 273 -28.90 6.80 12.43
N GLU A 274 -29.19 8.06 12.71
CA GLU A 274 -30.27 8.77 12.05
C GLU A 274 -30.01 8.87 10.55
N LYS A 275 -28.78 9.20 10.20
CA LYS A 275 -28.42 9.43 8.81
C LYS A 275 -28.20 8.13 8.07
N LYS A 276 -28.74 8.05 6.86
CA LYS A 276 -28.39 6.99 5.95
C LYS A 276 -27.36 7.53 4.96
N TRP A 277 -26.27 6.79 4.81
CA TRP A 277 -25.11 7.21 4.02
C TRP A 277 -24.49 6.05 3.29
N LYS A 278 -24.21 6.25 2.02
CA LYS A 278 -23.56 5.23 1.19
C LYS A 278 -22.33 5.88 0.60
N HIS A 279 -21.26 5.12 0.44
CA HIS A 279 -20.03 5.69 -0.09
C HIS A 279 -20.28 6.27 -1.49
N GLU A 280 -21.30 5.74 -2.18
CA GLU A 280 -21.70 6.24 -3.49
C GLU A 280 -22.17 7.70 -3.42
N GLN A 281 -22.99 7.98 -2.41
CA GLN A 281 -23.47 9.34 -2.16
C GLN A 281 -22.26 10.27 -2.12
N GLY A 282 -21.27 9.85 -1.34
CA GLY A 282 -20.02 10.58 -1.22
C GLY A 282 -19.31 10.65 -2.56
N SER A 283 -19.38 9.56 -3.31
CA SER A 283 -18.75 9.52 -4.62
C SER A 283 -19.32 10.60 -5.54
N ILE A 284 -20.64 10.66 -5.69
CA ILE A 284 -21.21 11.65 -6.59
C ILE A 284 -21.01 13.07 -6.06
N GLU A 285 -21.16 13.24 -4.74
CA GLU A 285 -20.92 14.56 -4.15
C GLU A 285 -19.47 15.02 -4.38
N MET A 286 -18.53 14.09 -4.24
CA MET A 286 -17.12 14.43 -4.38
C MET A 286 -16.77 14.66 -5.84
N PHE A 287 -17.41 13.92 -6.75
CA PHE A 287 -17.21 14.18 -8.18
C PHE A 287 -17.68 15.59 -8.53
N GLU A 288 -18.88 15.93 -8.07
CA GLU A 288 -19.40 17.28 -8.23
C GLU A 288 -18.40 18.27 -7.65
N HIS A 289 -17.86 17.96 -6.47
CA HIS A 289 -16.80 18.80 -5.89
C HIS A 289 -15.54 18.83 -6.75
N LEU A 290 -15.19 17.67 -7.31
CA LEU A 290 -13.94 17.55 -8.05
C LEU A 290 -13.98 18.48 -9.25
N VAL A 291 -15.02 18.34 -10.06
CA VAL A 291 -15.07 19.12 -11.29
C VAL A 291 -15.14 20.61 -10.99
N ASN A 292 -15.73 20.97 -9.85
CA ASN A 292 -15.93 22.39 -9.56
C ASN A 292 -14.74 23.06 -8.91
N SER A 293 -14.07 22.37 -7.99
CA SER A 293 -12.88 22.93 -7.35
C SER A 293 -11.78 23.18 -8.37
N ASN A 294 -11.76 22.36 -9.40
CA ASN A 294 -10.69 22.40 -10.39
C ASN A 294 -11.14 22.98 -11.73
N GLU A 295 -12.39 23.44 -11.77
CA GLU A 295 -12.96 24.11 -12.95
C GLU A 295 -12.81 23.29 -14.23
N LEU A 296 -13.03 21.98 -14.12
CA LEU A 296 -12.95 21.08 -15.27
C LEU A 296 -14.22 21.10 -16.11
N LYS A 297 -15.19 21.93 -15.74
CA LYS A 297 -16.44 22.02 -16.48
C LYS A 297 -16.15 22.51 -17.89
N LEU A 298 -15.35 23.56 -17.98
CA LEU A 298 -14.93 24.12 -19.26
C LEU A 298 -14.12 23.11 -20.08
N VAL A 299 -13.19 22.44 -19.40
CA VAL A 299 -12.31 21.44 -20.01
C VAL A 299 -13.12 20.30 -20.61
N MET A 300 -14.08 19.80 -19.84
CA MET A 300 -14.97 18.76 -20.35
C MET A 300 -15.65 19.20 -21.64
N LYS A 301 -16.13 20.44 -21.65
CA LYS A 301 -16.75 21.00 -22.85
C LYS A 301 -15.76 20.93 -24.01
N ASN A 302 -14.56 21.45 -23.80
CA ASN A 302 -13.55 21.46 -24.87
C ASN A 302 -13.11 20.09 -25.40
N TYR A 303 -13.31 19.03 -24.62
CA TYR A 303 -12.96 17.68 -25.07
C TYR A 303 -14.18 16.97 -25.69
N GLY A 304 -15.28 17.70 -25.80
CA GLY A 304 -16.45 17.24 -26.53
C GLY A 304 -17.57 16.71 -25.66
N LEU A 305 -17.50 16.97 -24.35
CA LEU A 305 -18.58 16.61 -23.44
C LEU A 305 -19.56 17.76 -23.28
N VAL A 306 -20.77 17.45 -22.83
CA VAL A 306 -21.76 18.46 -22.48
C VAL A 306 -21.99 18.40 -20.97
N PRO A 307 -21.30 19.26 -20.20
CA PRO A 307 -21.27 19.13 -18.74
C PRO A 307 -22.63 18.88 -18.10
N GLU A 308 -23.62 19.66 -18.51
CA GLU A 308 -24.95 19.57 -17.92
C GLU A 308 -25.53 18.17 -18.02
N GLU A 309 -25.56 17.63 -19.23
CA GLU A 309 -26.06 16.27 -19.46
C GLU A 309 -25.14 15.19 -18.86
N ASP A 310 -23.89 15.25 -19.26
CA ASP A 310 -22.97 14.16 -19.02
C ASP A 310 -22.59 14.04 -17.55
N ILE A 311 -22.58 15.14 -16.81
CA ILE A 311 -22.29 15.02 -15.38
C ILE A 311 -23.43 14.26 -14.71
N THR A 312 -24.66 14.53 -15.13
CA THR A 312 -25.80 13.79 -14.59
C THR A 312 -25.69 12.32 -14.98
N PHE A 313 -25.26 12.06 -16.21
CA PHE A 313 -25.04 10.68 -16.65
C PHE A 313 -24.02 9.96 -15.76
N ILE A 314 -22.84 10.58 -15.63
CA ILE A 314 -21.78 10.08 -14.77
C ILE A 314 -22.29 9.78 -13.37
N LYS A 315 -22.88 10.78 -12.73
CA LYS A 315 -23.45 10.61 -11.39
C LYS A 315 -24.41 9.43 -11.32
N GLU A 316 -25.37 9.39 -12.26
CA GLU A 316 -26.38 8.34 -12.29
C GLU A 316 -25.77 6.96 -12.38
N GLN A 317 -24.70 6.82 -13.17
CA GLN A 317 -24.03 5.52 -13.27
C GLN A 317 -23.50 5.03 -11.93
N ILE A 318 -22.96 5.94 -11.13
CA ILE A 318 -22.37 5.60 -9.83
C ILE A 318 -23.47 5.32 -8.82
N MET A 319 -24.44 6.23 -8.77
CA MET A 319 -25.51 6.12 -7.79
C MET A 319 -26.54 5.07 -8.13
N GLY A 320 -27.20 5.26 -9.26
CA GLY A 320 -28.40 4.51 -9.60
C GLY A 320 -29.57 5.48 -9.81
N PRO A 321 -30.77 4.94 -10.10
CA PRO A 321 -31.99 5.66 -10.49
C PRO A 321 -32.07 7.13 -10.10
N LEU A 330 -41.89 3.93 -16.34
CA LEU A 330 -41.17 4.70 -17.35
C LEU A 330 -39.68 4.83 -16.95
N TRP A 331 -38.94 5.58 -17.77
CA TRP A 331 -37.49 5.64 -17.68
C TRP A 331 -37.00 6.60 -16.60
N PRO A 332 -36.46 6.07 -15.49
CA PRO A 332 -36.05 6.92 -14.37
C PRO A 332 -34.87 7.85 -14.64
N TYR A 333 -33.85 7.35 -15.34
CA TYR A 333 -32.63 8.13 -15.59
C TYR A 333 -32.90 9.32 -16.51
N LYS A 334 -32.12 10.40 -16.31
CA LYS A 334 -32.24 11.60 -17.13
C LYS A 334 -31.01 11.80 -18.02
N GLY A 335 -29.90 11.23 -17.59
CA GLY A 335 -28.63 11.37 -18.27
C GLY A 335 -28.60 10.85 -19.70
N ARG A 336 -29.27 9.73 -19.93
CA ARG A 336 -29.37 9.14 -21.27
C ARG A 336 -30.76 8.54 -21.50
N PRO A 337 -31.23 8.55 -22.76
CA PRO A 337 -32.50 7.91 -23.09
C PRO A 337 -32.52 6.39 -22.86
N ALA A 338 -33.71 5.84 -22.66
CA ALA A 338 -33.93 4.39 -22.47
C ALA A 338 -33.33 3.57 -23.60
N THR A 339 -33.10 4.20 -24.74
CA THR A 339 -32.54 3.49 -25.87
C THR A 339 -31.08 3.14 -25.58
N LYS A 340 -30.42 3.94 -24.74
CA LYS A 340 -29.05 3.68 -24.34
C LYS A 340 -28.97 3.10 -22.92
N SER A 341 -29.88 2.21 -22.58
CA SER A 341 -29.99 1.72 -21.21
C SER A 341 -28.80 0.87 -20.76
N PHE A 342 -28.29 0.04 -21.66
CA PHE A 342 -27.20 -0.90 -21.36
C PHE A 342 -25.99 -0.24 -20.71
N LEU A 343 -25.72 1.01 -21.07
CA LEU A 343 -24.59 1.76 -20.53
C LEU A 343 -24.60 1.79 -19.01
N TYR A 344 -25.79 1.72 -18.42
CA TYR A 344 -25.92 1.81 -16.97
C TYR A 344 -25.58 0.51 -16.27
N GLU A 345 -25.42 -0.56 -17.04
CA GLU A 345 -25.08 -1.87 -16.52
C GLU A 345 -23.58 -2.12 -16.50
N ILE A 346 -22.80 -1.16 -16.99
CA ILE A 346 -21.37 -1.37 -17.13
C ILE A 346 -20.61 -1.17 -15.83
N VAL A 347 -20.64 0.04 -15.28
CA VAL A 347 -19.82 0.35 -14.10
C VAL A 347 -20.44 -0.25 -12.84
N SER A 348 -21.69 0.12 -12.53
CA SER A 348 -22.39 -0.47 -11.39
C SER A 348 -23.64 -1.19 -11.80
N ASN A 349 -23.64 -2.50 -11.59
CA ASN A 349 -24.79 -3.36 -11.86
C ASN A 349 -25.15 -4.16 -10.63
N LYS A 350 -25.94 -3.56 -9.75
CA LYS A 350 -26.32 -4.19 -8.49
C LYS A 350 -27.33 -5.31 -8.70
N ARG A 351 -27.98 -5.35 -9.85
CA ARG A 351 -28.98 -6.38 -10.16
C ARG A 351 -28.41 -7.79 -10.07
N ASN A 352 -27.46 -8.11 -10.95
CA ASN A 352 -26.94 -9.49 -11.07
C ASN A 352 -25.49 -9.61 -10.63
N GLY A 353 -24.94 -8.52 -10.12
CA GLY A 353 -23.56 -8.50 -9.66
C GLY A 353 -22.54 -8.91 -10.70
N ILE A 354 -22.62 -8.28 -11.87
CA ILE A 354 -21.65 -8.50 -12.94
C ILE A 354 -21.30 -7.15 -13.54
N ASP A 355 -20.23 -6.55 -13.04
CA ASP A 355 -19.78 -5.25 -13.51
C ASP A 355 -18.27 -5.15 -13.47
N VAL A 356 -17.72 -4.08 -14.02
CA VAL A 356 -16.27 -3.97 -14.16
C VAL A 356 -15.59 -3.59 -12.83
N ASP A 357 -16.36 -3.01 -11.90
CA ASP A 357 -15.86 -2.72 -10.56
C ASP A 357 -15.46 -4.05 -9.94
N LYS A 358 -16.41 -4.98 -9.96
CA LYS A 358 -16.19 -6.31 -9.42
C LYS A 358 -15.06 -7.05 -10.14
N TRP A 359 -14.98 -6.89 -11.45
CA TRP A 359 -13.93 -7.55 -12.21
C TRP A 359 -12.57 -7.06 -11.73
N ASP A 360 -12.40 -5.75 -11.69
CA ASP A 360 -11.13 -5.22 -11.24
C ASP A 360 -10.80 -5.67 -9.83
N TYR A 361 -11.69 -5.42 -8.87
CA TYR A 361 -11.28 -5.70 -7.49
C TYR A 361 -11.20 -7.21 -7.21
N PHE A 362 -11.97 -8.03 -7.92
CA PHE A 362 -11.78 -9.47 -7.85
C PHE A 362 -10.35 -9.81 -8.24
N ALA A 363 -9.96 -9.37 -9.43
CA ALA A 363 -8.64 -9.70 -9.93
C ALA A 363 -7.54 -9.16 -9.01
N ARG A 364 -7.67 -7.88 -8.67
CA ARG A 364 -6.67 -7.20 -7.85
C ARG A 364 -6.54 -7.85 -6.46
N ASP A 365 -7.67 -8.07 -5.81
CA ASP A 365 -7.65 -8.63 -4.47
C ASP A 365 -7.10 -10.05 -4.54
N CYS A 366 -7.45 -10.80 -5.59
CA CYS A 366 -6.84 -12.11 -5.79
C CYS A 366 -5.33 -11.99 -5.94
N HIS A 367 -4.89 -10.99 -6.69
CA HIS A 367 -3.46 -10.71 -6.86
C HIS A 367 -2.75 -10.50 -5.52
N HIS A 368 -3.27 -9.59 -4.70
CA HIS A 368 -2.60 -9.26 -3.44
C HIS A 368 -2.80 -10.26 -2.30
N LEU A 369 -3.93 -10.98 -2.30
CA LEU A 369 -4.16 -11.96 -1.23
C LEU A 369 -3.43 -13.25 -1.49
N GLY A 370 -3.11 -13.50 -2.75
CA GLY A 370 -2.48 -14.74 -3.12
C GLY A 370 -3.57 -15.75 -3.36
N ILE A 371 -4.41 -15.45 -4.32
CA ILE A 371 -5.53 -16.30 -4.69
C ILE A 371 -5.56 -16.31 -6.21
N GLN A 372 -5.83 -17.48 -6.78
CA GLN A 372 -5.88 -17.60 -8.22
C GLN A 372 -7.31 -17.45 -8.72
N ASN A 373 -7.47 -16.61 -9.75
CA ASN A 373 -8.77 -16.12 -10.18
C ASN A 373 -9.23 -16.78 -11.48
N ASN A 374 -10.19 -17.68 -11.35
CA ASN A 374 -10.62 -18.53 -12.45
C ASN A 374 -11.31 -17.80 -13.58
N PHE A 375 -11.54 -16.51 -13.40
CA PHE A 375 -12.37 -15.73 -14.32
C PHE A 375 -11.56 -14.84 -15.25
N ASP A 376 -11.60 -15.14 -16.55
CA ASP A 376 -10.97 -14.30 -17.57
C ASP A 376 -11.98 -13.30 -18.11
N TYR A 377 -11.83 -12.04 -17.72
CA TYR A 377 -12.76 -11.00 -18.14
C TYR A 377 -12.56 -10.64 -19.61
N LYS A 378 -11.33 -10.80 -20.08
CA LYS A 378 -11.02 -10.51 -21.47
C LYS A 378 -11.85 -11.40 -22.39
N ARG A 379 -12.08 -12.63 -21.94
CA ARG A 379 -12.92 -13.58 -22.67
C ARG A 379 -14.36 -13.11 -22.65
N PHE A 380 -14.75 -12.51 -21.51
CA PHE A 380 -16.10 -12.03 -21.35
C PHE A 380 -16.38 -10.89 -22.32
N ILE A 381 -15.49 -9.91 -22.35
CA ILE A 381 -15.68 -8.72 -23.16
C ILE A 381 -15.76 -9.03 -24.65
N LYS A 382 -14.93 -9.95 -25.14
CA LYS A 382 -14.97 -10.32 -26.56
C LYS A 382 -16.32 -10.93 -26.93
N PHE A 383 -16.86 -11.77 -26.05
CA PHE A 383 -18.12 -12.45 -26.30
C PHE A 383 -19.31 -11.66 -25.71
N ALA A 384 -19.12 -10.37 -25.51
CA ALA A 384 -20.17 -9.52 -24.98
C ALA A 384 -20.89 -8.81 -26.11
N ARG A 385 -22.22 -8.87 -26.06
CA ARG A 385 -23.06 -8.20 -27.05
C ARG A 385 -24.29 -7.63 -26.39
N ILE A 386 -24.77 -6.51 -26.90
CA ILE A 386 -26.09 -6.03 -26.55
C ILE A 386 -27.12 -6.77 -27.41
N CYS A 387 -28.25 -7.09 -26.81
CA CYS A 387 -29.36 -7.69 -27.51
C CYS A 387 -30.61 -7.47 -26.69
N GLU A 388 -31.78 -7.51 -27.35
CA GLU A 388 -33.01 -7.14 -26.66
C GLU A 388 -33.67 -8.23 -25.87
N VAL A 389 -34.28 -7.83 -24.77
CA VAL A 389 -34.97 -8.73 -23.85
C VAL A 389 -36.40 -8.27 -23.67
N GLU A 390 -37.32 -9.22 -23.55
CA GLU A 390 -38.73 -8.92 -23.31
C GLU A 390 -39.27 -9.68 -22.12
N TYR A 391 -39.70 -8.94 -21.09
CA TYR A 391 -40.49 -9.54 -20.02
C TYR A 391 -41.88 -8.89 -19.93
N LYS A 392 -42.89 -9.75 -19.86
CA LYS A 392 -44.28 -9.33 -19.85
C LYS A 392 -44.81 -9.06 -18.45
N VAL A 393 -45.20 -7.80 -18.21
CA VAL A 393 -45.84 -7.43 -16.95
C VAL A 393 -47.19 -6.75 -17.23
N TYR A 399 -49.35 -5.69 -21.78
CA TYR A 399 -48.16 -4.89 -21.53
C TYR A 399 -46.91 -5.77 -21.44
N ILE A 400 -46.06 -5.70 -22.48
CA ILE A 400 -44.76 -6.36 -22.49
C ILE A 400 -43.64 -5.32 -22.56
N ARG A 401 -42.62 -5.49 -21.72
CA ARG A 401 -41.50 -4.55 -21.67
C ARG A 401 -40.37 -5.04 -22.58
N LYS A 402 -39.73 -4.12 -23.29
CA LYS A 402 -38.60 -4.48 -24.17
C LYS A 402 -37.38 -3.62 -23.83
N VAL A 403 -36.26 -4.26 -23.50
CA VAL A 403 -35.06 -3.51 -23.09
C VAL A 403 -33.74 -4.10 -23.61
N LYS A 404 -32.75 -3.23 -23.75
CA LYS A 404 -31.42 -3.62 -24.22
C LYS A 404 -30.47 -3.87 -23.05
N HIS A 405 -30.26 -5.14 -22.72
CA HIS A 405 -29.30 -5.53 -21.68
C HIS A 405 -27.98 -6.00 -22.28
N ILE A 406 -26.96 -6.09 -21.45
CA ILE A 406 -25.70 -6.65 -21.88
C ILE A 406 -25.77 -8.15 -21.72
N CYS A 407 -25.39 -8.87 -22.77
CA CYS A 407 -25.53 -10.31 -22.80
C CYS A 407 -24.25 -10.97 -23.28
N SER A 408 -24.08 -12.24 -22.91
CA SER A 408 -22.88 -13.01 -23.24
C SER A 408 -23.30 -14.33 -23.84
N ARG A 409 -22.48 -14.84 -24.75
CA ARG A 409 -22.80 -16.10 -25.44
C ARG A 409 -23.07 -17.20 -24.44
N GLU A 410 -24.13 -17.94 -24.67
CA GLU A 410 -24.65 -18.93 -23.73
C GLU A 410 -23.60 -19.95 -23.25
N LYS A 411 -22.67 -20.34 -24.11
CA LYS A 411 -21.63 -21.32 -23.71
C LYS A 411 -20.50 -20.69 -22.90
N GLU A 412 -20.54 -19.38 -22.69
CA GLU A 412 -19.60 -18.74 -21.79
C GLU A 412 -20.23 -18.62 -20.40
N VAL A 413 -21.04 -19.62 -20.06
CA VAL A 413 -21.69 -19.68 -18.76
C VAL A 413 -20.73 -20.23 -17.72
N GLY A 414 -19.80 -21.07 -18.18
CA GLY A 414 -18.79 -21.62 -17.31
C GLY A 414 -17.87 -20.54 -16.78
N ASN A 415 -17.64 -19.54 -17.62
CA ASN A 415 -16.87 -18.38 -17.21
C ASN A 415 -17.51 -17.70 -16.00
N LEU A 416 -18.82 -17.54 -16.04
CA LEU A 416 -19.53 -16.93 -14.92
C LEU A 416 -19.45 -17.81 -13.67
N TYR A 417 -19.51 -19.14 -13.84
CA TYR A 417 -19.33 -20.07 -12.73
C TYR A 417 -17.98 -19.86 -12.07
N ASP A 418 -16.98 -19.55 -12.88
CA ASP A 418 -15.64 -19.27 -12.38
C ASP A 418 -15.64 -17.96 -11.60
N MET A 419 -16.34 -16.95 -12.13
CA MET A 419 -16.42 -15.66 -11.48
C MET A 419 -17.08 -15.75 -10.13
N PHE A 420 -18.20 -16.43 -10.07
CA PHE A 420 -18.97 -16.48 -8.84
C PHE A 420 -18.25 -17.31 -7.80
N HIS A 421 -17.44 -18.26 -8.23
CA HIS A 421 -16.62 -19.00 -7.29
C HIS A 421 -15.64 -18.04 -6.64
N THR A 422 -14.96 -17.26 -7.47
CA THR A 422 -13.99 -16.29 -6.99
C THR A 422 -14.65 -15.30 -6.05
N ARG A 423 -15.88 -14.91 -6.38
CA ARG A 423 -16.65 -14.02 -5.52
C ARG A 423 -16.82 -14.63 -4.15
N ASN A 424 -17.26 -15.89 -4.15
CA ASN A 424 -17.47 -16.61 -2.91
C ASN A 424 -16.16 -16.86 -2.22
N CYS A 425 -15.17 -17.21 -3.03
CA CYS A 425 -13.83 -17.51 -2.53
C CYS A 425 -13.28 -16.35 -1.75
N LEU A 426 -13.43 -15.15 -2.30
CA LEU A 426 -12.93 -13.95 -1.65
C LEU A 426 -13.75 -13.61 -0.42
N HIS A 427 -15.07 -13.64 -0.58
CA HIS A 427 -15.97 -13.34 0.53
C HIS A 427 -15.73 -14.26 1.71
N ARG A 428 -15.69 -15.56 1.46
CA ARG A 428 -15.48 -16.54 2.52
C ARG A 428 -14.12 -16.35 3.22
N ARG A 429 -13.05 -16.34 2.42
CA ARG A 429 -11.71 -16.36 2.95
C ARG A 429 -11.23 -15.01 3.50
N ALA A 430 -11.58 -13.93 2.82
CA ALA A 430 -10.92 -12.66 3.05
C ALA A 430 -11.84 -11.53 3.54
N TYR A 431 -12.94 -11.27 2.85
CA TYR A 431 -13.76 -10.10 3.14
C TYR A 431 -14.44 -10.19 4.51
N GLN A 432 -15.13 -11.30 4.77
CA GLN A 432 -15.79 -11.48 6.06
C GLN A 432 -14.89 -12.27 7.02
N HIS A 433 -13.60 -11.98 6.95
CA HIS A 433 -12.61 -12.63 7.82
C HIS A 433 -12.77 -12.18 9.27
N LYS A 434 -12.79 -13.14 10.19
CA LYS A 434 -13.14 -12.90 11.59
C LYS A 434 -12.23 -11.90 12.29
N ILE A 435 -10.95 -11.90 11.91
CA ILE A 435 -9.98 -10.99 12.50
C ILE A 435 -9.99 -9.63 11.79
N SER A 436 -9.99 -9.63 10.46
CA SER A 436 -10.08 -8.39 9.70
C SER A 436 -11.23 -7.52 10.22
N ASN A 437 -12.39 -8.16 10.36
CA ASN A 437 -13.57 -7.47 10.85
C ASN A 437 -13.39 -7.04 12.30
N LEU A 438 -12.70 -7.85 13.10
CA LEU A 438 -12.39 -7.46 14.47
C LEU A 438 -11.60 -6.16 14.47
N ILE A 439 -10.60 -6.08 13.59
CA ILE A 439 -9.78 -4.89 13.48
C ILE A 439 -10.60 -3.70 12.99
N ASP A 440 -11.46 -3.91 12.00
CA ASP A 440 -12.37 -2.85 11.59
C ASP A 440 -13.22 -2.38 12.77
N ILE A 441 -13.70 -3.32 13.57
CA ILE A 441 -14.50 -2.98 14.75
C ILE A 441 -13.71 -2.17 15.76
N MET A 442 -12.46 -2.56 15.99
CA MET A 442 -11.61 -1.81 16.92
C MET A 442 -11.27 -0.42 16.40
N ILE A 443 -10.95 -0.31 15.11
CA ILE A 443 -10.68 1.01 14.54
C ILE A 443 -11.91 1.88 14.65
N THR A 444 -13.06 1.35 14.28
CA THR A 444 -14.32 2.06 14.47
C THR A 444 -14.49 2.49 15.92
N ASP A 445 -14.33 1.55 16.85
CA ASP A 445 -14.41 1.85 18.26
C ASP A 445 -13.51 3.01 18.68
N ALA A 446 -12.27 3.02 18.20
CA ALA A 446 -11.35 4.13 18.46
C ALA A 446 -11.88 5.44 17.87
N PHE A 447 -12.27 5.39 16.60
CA PHE A 447 -12.81 6.56 15.91
C PHE A 447 -13.96 7.17 16.68
N LEU A 448 -14.88 6.31 17.13
CA LEU A 448 -16.02 6.76 17.91
C LEU A 448 -15.57 7.56 19.13
N LYS A 449 -14.56 7.08 19.83
CA LYS A 449 -14.07 7.76 21.02
C LYS A 449 -13.19 8.96 20.68
N ALA A 450 -12.67 8.99 19.46
CA ALA A 450 -11.90 10.15 18.99
C ALA A 450 -12.79 11.22 18.33
N ASP A 451 -13.95 10.80 17.83
CA ASP A 451 -14.81 11.66 17.00
C ASP A 451 -15.11 13.04 17.59
N PRO A 452 -15.40 13.12 18.89
CA PRO A 452 -15.75 14.42 19.49
C PRO A 452 -14.65 15.48 19.43
N TYR A 453 -13.39 15.07 19.45
CA TYR A 453 -12.28 15.99 19.67
C TYR A 453 -11.46 16.31 18.42
N VAL A 454 -11.53 15.44 17.43
CA VAL A 454 -10.76 15.66 16.20
C VAL A 454 -11.46 16.68 15.34
N GLU A 455 -10.77 17.78 15.06
CA GLU A 455 -11.29 18.83 14.19
C GLU A 455 -10.77 18.65 12.77
N ILE A 456 -11.66 18.83 11.80
CA ILE A 456 -11.29 18.81 10.38
C ILE A 456 -12.01 19.98 9.69
N THR A 457 -11.24 20.92 9.17
CA THR A 457 -11.82 22.11 8.57
C THR A 457 -12.26 21.88 7.13
N GLY A 458 -13.44 22.39 6.81
CA GLY A 458 -13.99 22.30 5.46
C GLY A 458 -14.04 23.67 4.80
N THR A 459 -15.07 23.88 3.99
CA THR A 459 -15.20 25.13 3.23
C THR A 459 -15.44 26.32 4.16
N ALA A 460 -14.73 27.42 3.91
CA ALA A 460 -14.76 28.61 4.76
C ALA A 460 -14.18 28.32 6.15
N GLY A 461 -13.47 27.19 6.27
CA GLY A 461 -12.80 26.84 7.50
C GLY A 461 -13.69 26.42 8.65
N LYS A 462 -14.93 26.04 8.35
CA LYS A 462 -15.84 25.52 9.38
C LYS A 462 -15.29 24.18 9.89
N LYS A 463 -15.25 24.01 11.20
CA LYS A 463 -14.66 22.80 11.75
C LYS A 463 -15.67 21.65 11.70
N PHE A 464 -15.20 20.47 11.32
CA PHE A 464 -16.04 19.27 11.27
C PHE A 464 -15.39 18.14 12.06
N ARG A 465 -16.23 17.23 12.54
CA ARG A 465 -15.76 16.05 13.25
C ARG A 465 -15.62 14.93 12.23
N ILE A 466 -14.90 13.87 12.59
CA ILE A 466 -14.72 12.74 11.67
C ILE A 466 -16.05 12.28 11.10
N SER A 467 -17.07 12.19 11.96
CA SER A 467 -18.38 11.68 11.58
C SER A 467 -19.17 12.63 10.66
N THR A 468 -18.85 13.92 10.71
CA THR A 468 -19.60 14.93 9.95
C THR A 468 -18.85 15.49 8.74
N ALA A 469 -17.62 15.04 8.52
CA ALA A 469 -16.84 15.51 7.39
C ALA A 469 -17.53 15.12 6.09
N ILE A 470 -18.28 14.02 6.12
CA ILE A 470 -19.03 13.56 4.96
C ILE A 470 -20.05 14.60 4.48
N ASP A 471 -20.34 15.58 5.34
CA ASP A 471 -21.30 16.62 5.01
C ASP A 471 -20.65 17.76 4.21
N ASP A 472 -19.32 17.86 4.27
CA ASP A 472 -18.56 18.87 3.54
C ASP A 472 -17.41 18.23 2.79
N MET A 473 -17.46 18.29 1.47
CA MET A 473 -16.48 17.59 0.62
C MET A 473 -15.07 18.13 0.81
N GLU A 474 -14.95 19.40 1.14
CA GLU A 474 -13.64 20.02 1.26
C GLU A 474 -12.99 19.64 2.59
N ALA A 475 -13.79 19.18 3.54
CA ALA A 475 -13.28 18.54 4.75
C ALA A 475 -12.96 17.08 4.47
N PHE A 476 -13.94 16.36 3.92
CA PHE A 476 -13.81 14.96 3.58
C PHE A 476 -12.62 14.70 2.65
N THR A 477 -12.24 15.68 1.85
CA THR A 477 -11.09 15.54 0.98
C THR A 477 -9.83 15.29 1.81
N LYS A 478 -9.83 15.75 3.07
CA LYS A 478 -8.68 15.61 3.96
C LYS A 478 -8.72 14.35 4.81
N LEU A 479 -9.86 13.69 4.81
CA LEU A 479 -10.08 12.54 5.67
C LEU A 479 -9.64 11.23 5.02
N THR A 480 -8.55 10.66 5.55
CA THR A 480 -7.97 9.45 4.96
C THR A 480 -7.57 8.48 6.06
N ASP A 481 -6.92 7.38 5.66
CA ASP A 481 -6.45 6.38 6.61
C ASP A 481 -5.51 7.00 7.63
N ASN A 482 -4.83 8.06 7.19
CA ASN A 482 -3.80 8.70 7.99
C ASN A 482 -4.36 9.15 9.35
N ILE A 483 -5.67 9.39 9.39
CA ILE A 483 -6.34 9.81 10.62
C ILE A 483 -6.07 8.79 11.73
N PHE A 484 -5.87 7.54 11.32
CA PHE A 484 -5.42 6.48 12.23
C PHE A 484 -4.19 6.94 12.99
N LEU A 485 -3.17 7.37 12.26
CA LEU A 485 -1.90 7.73 12.88
C LEU A 485 -1.95 9.09 13.57
N GLU A 486 -2.78 9.98 13.06
CA GLU A 486 -2.93 11.30 13.64
C GLU A 486 -3.41 11.17 15.08
N VAL A 487 -4.47 10.40 15.26
CA VAL A 487 -4.98 10.10 16.60
C VAL A 487 -3.90 9.44 17.47
N LEU A 488 -3.35 8.33 16.97
CA LEU A 488 -2.38 7.55 17.70
C LEU A 488 -1.21 8.38 18.23
N HIS A 489 -0.79 9.35 17.44
CA HIS A 489 0.39 10.15 17.76
C HIS A 489 0.07 11.51 18.37
N SER A 490 -1.21 11.80 18.57
CA SER A 490 -1.64 13.12 19.05
C SER A 490 -1.22 13.38 20.48
N THR A 491 -0.91 14.65 20.77
CA THR A 491 -0.52 15.04 22.12
C THR A 491 -1.73 15.49 22.93
N ASP A 492 -2.85 15.69 22.23
CA ASP A 492 -4.12 16.04 22.88
C ASP A 492 -4.48 14.93 23.87
N PRO A 493 -4.69 15.31 25.15
CA PRO A 493 -4.96 14.26 26.14
C PRO A 493 -6.42 13.79 26.17
N GLN A 494 -7.26 14.36 25.32
CA GLN A 494 -8.65 13.95 25.27
C GLN A 494 -8.81 12.68 24.45
N LEU A 495 -7.78 12.35 23.68
CA LEU A 495 -7.81 11.18 22.82
C LEU A 495 -7.16 9.96 23.46
N SER A 496 -6.73 10.10 24.72
CA SER A 496 -6.05 9.03 25.43
C SER A 496 -6.83 7.74 25.35
N GLU A 497 -8.16 7.88 25.44
CA GLU A 497 -9.04 6.74 25.31
C GLU A 497 -8.91 6.14 23.93
N ALA A 498 -8.90 6.99 22.92
CA ALA A 498 -8.88 6.50 21.53
C ALA A 498 -7.53 5.91 21.20
N GLN A 499 -6.47 6.53 21.68
CA GLN A 499 -5.11 6.09 21.43
C GLN A 499 -4.91 4.69 21.93
N SER A 500 -5.26 4.49 23.20
CA SER A 500 -5.07 3.22 23.87
C SER A 500 -5.66 2.06 23.09
N ILE A 501 -6.78 2.30 22.42
CA ILE A 501 -7.36 1.29 21.54
C ILE A 501 -6.44 1.07 20.34
N LEU A 502 -5.89 2.15 19.79
CA LEU A 502 -5.06 2.03 18.61
C LEU A 502 -3.71 1.41 18.97
N ARG A 503 -3.24 1.67 20.19
CA ARG A 503 -1.99 1.08 20.66
C ARG A 503 -2.17 -0.42 20.83
N ASN A 504 -3.37 -0.81 21.23
CA ASN A 504 -3.69 -2.22 21.35
C ASN A 504 -3.68 -2.92 19.99
N ILE A 505 -4.17 -2.23 18.96
CA ILE A 505 -4.10 -2.77 17.61
C ILE A 505 -2.63 -2.94 17.23
N GLU A 506 -1.81 -1.97 17.64
CA GLU A 506 -0.39 -2.00 17.32
C GLU A 506 0.35 -3.17 17.98
N CYS A 507 0.01 -3.46 19.24
CA CYS A 507 0.65 -4.51 20.00
C CYS A 507 -0.15 -5.81 19.94
N ARG A 508 -1.05 -5.89 18.96
CA ARG A 508 -1.86 -7.08 18.72
C ARG A 508 -2.56 -7.57 19.98
N ASN A 509 -3.16 -6.64 20.69
CA ASN A 509 -3.90 -6.92 21.92
C ASN A 509 -5.39 -6.74 21.64
N LEU A 510 -5.92 -7.56 20.74
CA LEU A 510 -7.26 -7.40 20.22
C LEU A 510 -8.29 -8.11 21.09
N TYR A 511 -9.55 -7.72 20.92
CA TYR A 511 -10.66 -8.39 21.60
C TYR A 511 -10.58 -9.87 21.26
N LYS A 512 -10.88 -10.75 22.20
CA LYS A 512 -10.76 -12.17 21.92
C LYS A 512 -12.05 -12.72 21.34
N TYR A 513 -11.88 -13.59 20.35
CA TYR A 513 -12.98 -14.10 19.55
C TYR A 513 -13.57 -15.35 20.14
N LEU A 514 -14.80 -15.26 20.64
CA LEU A 514 -15.41 -16.37 21.36
C LEU A 514 -15.94 -17.43 20.40
N GLY A 515 -16.31 -16.99 19.20
CA GLY A 515 -16.80 -17.92 18.20
C GLY A 515 -17.92 -17.36 17.34
N GLU A 516 -18.29 -18.19 16.37
CA GLU A 516 -19.31 -17.88 15.38
C GLU A 516 -20.55 -18.71 15.65
N THR A 517 -21.70 -18.20 15.23
CA THR A 517 -22.94 -18.97 15.32
C THR A 517 -23.88 -18.61 14.17
N GLN A 518 -24.85 -19.49 13.97
CA GLN A 518 -25.83 -19.38 12.90
C GLN A 518 -27.24 -19.46 13.46
N PRO A 519 -28.18 -18.67 12.91
CA PRO A 519 -29.57 -18.83 13.33
C PRO A 519 -30.27 -19.95 12.54
N LYS A 520 -30.89 -20.88 13.25
CA LYS A 520 -31.49 -22.05 12.63
C LYS A 520 -32.63 -21.65 11.69
N ARG A 521 -33.48 -20.74 12.15
CA ARG A 521 -34.49 -20.17 11.28
C ARG A 521 -34.71 -18.72 11.68
N GLU A 522 -35.46 -18.01 10.85
CA GLU A 522 -35.64 -16.56 11.00
C GLU A 522 -34.28 -15.90 10.87
N LYS A 523 -34.23 -14.62 11.18
CA LYS A 523 -32.97 -13.87 11.20
C LYS A 523 -33.15 -12.75 12.21
N ILE A 524 -32.17 -11.85 12.28
CA ILE A 524 -32.21 -10.78 13.26
C ILE A 524 -32.54 -9.44 12.65
N ARG A 525 -33.64 -8.87 13.13
CA ARG A 525 -34.11 -7.54 12.72
C ARG A 525 -32.98 -6.53 12.87
N LYS A 526 -32.79 -5.71 11.84
CA LYS A 526 -31.80 -4.66 11.86
C LYS A 526 -31.91 -3.81 13.13
N GLU A 527 -33.12 -3.70 13.67
CA GLU A 527 -33.35 -2.95 14.91
C GLU A 527 -32.84 -3.74 16.13
N GLU A 528 -32.94 -5.06 16.03
CA GLU A 528 -32.69 -5.92 17.16
C GLU A 528 -31.21 -5.95 17.58
N TYR A 529 -30.34 -5.37 16.76
CA TYR A 529 -28.90 -5.47 16.97
C TYR A 529 -28.43 -4.88 18.31
N GLU A 530 -28.83 -3.65 18.62
CA GLU A 530 -28.37 -2.98 19.83
C GLU A 530 -28.61 -3.77 21.11
N ARG A 531 -29.62 -4.64 21.08
CA ARG A 531 -29.95 -5.48 22.21
C ARG A 531 -28.90 -6.57 22.46
N LEU A 532 -28.29 -7.06 21.38
CA LEU A 532 -27.55 -8.31 21.42
C LEU A 532 -26.43 -8.37 22.48
N PRO A 533 -25.60 -7.31 22.59
CA PRO A 533 -24.57 -7.34 23.65
C PRO A 533 -25.16 -7.44 25.06
N GLN A 534 -26.32 -6.82 25.28
CA GLN A 534 -27.03 -6.96 26.56
C GLN A 534 -27.42 -8.42 26.79
N GLU A 535 -28.10 -9.01 25.80
CA GLU A 535 -28.60 -10.39 25.91
C GLU A 535 -27.50 -11.38 26.26
N VAL A 536 -26.35 -11.26 25.59
CA VAL A 536 -25.23 -12.16 25.83
C VAL A 536 -24.68 -11.96 27.24
N ALA A 537 -24.59 -10.71 27.66
CA ALA A 537 -24.10 -10.37 28.98
C ALA A 537 -25.00 -10.96 30.03
N LYS A 538 -26.29 -10.71 29.88
CA LYS A 538 -27.30 -11.08 30.85
C LYS A 538 -27.53 -12.59 30.94
N ALA A 539 -27.39 -13.28 29.80
CA ALA A 539 -27.53 -14.73 29.77
C ALA A 539 -26.49 -15.40 30.67
N LYS A 540 -26.96 -16.15 31.67
CA LYS A 540 -26.08 -16.78 32.65
C LYS A 540 -26.07 -18.29 32.44
N PRO A 541 -24.93 -18.95 32.77
CA PRO A 541 -24.81 -20.39 32.60
C PRO A 541 -25.43 -21.19 33.75
N VAL A 547 -19.18 -14.12 37.64
CA VAL A 547 -18.47 -12.90 37.33
C VAL A 547 -19.39 -11.86 36.70
N GLU A 548 -19.16 -10.59 37.06
CA GLU A 548 -19.90 -9.49 36.46
C GLU A 548 -19.39 -9.25 35.05
N LEU A 549 -20.30 -9.23 34.10
CA LEU A 549 -19.97 -9.02 32.69
C LEU A 549 -20.93 -8.01 32.09
N LYS A 550 -20.44 -6.80 31.93
CA LYS A 550 -21.24 -5.69 31.40
C LYS A 550 -21.55 -5.91 29.92
N ALA A 551 -22.62 -5.28 29.45
CA ALA A 551 -23.02 -5.43 28.06
C ALA A 551 -21.98 -4.83 27.12
N GLU A 552 -21.20 -3.87 27.63
CA GLU A 552 -20.15 -3.24 26.84
C GLU A 552 -19.01 -4.20 26.56
N ASP A 553 -18.81 -5.16 27.47
CA ASP A 553 -17.70 -6.09 27.37
C ASP A 553 -17.83 -7.02 26.15
N PHE A 554 -18.99 -6.99 25.50
CA PHE A 554 -19.24 -7.83 24.32
C PHE A 554 -19.50 -7.02 23.06
N ILE A 555 -19.05 -7.56 21.94
CA ILE A 555 -19.52 -7.13 20.63
C ILE A 555 -20.10 -8.34 19.90
N VAL A 556 -21.31 -8.16 19.38
CA VAL A 556 -21.90 -9.13 18.49
C VAL A 556 -21.83 -8.55 17.08
N ASP A 557 -21.31 -9.34 16.15
CA ASP A 557 -21.08 -8.92 14.78
C ASP A 557 -21.97 -9.76 13.89
N VAL A 558 -23.03 -9.13 13.39
CA VAL A 558 -23.97 -9.79 12.49
C VAL A 558 -23.52 -9.57 11.05
N ILE A 559 -23.51 -10.66 10.27
CA ILE A 559 -23.01 -10.61 8.91
C ILE A 559 -23.98 -11.32 7.96
N ASN A 560 -24.33 -10.61 6.88
CA ASN A 560 -25.27 -11.10 5.88
C ASN A 560 -24.53 -11.59 4.63
N VAL A 561 -24.67 -12.88 4.36
CA VAL A 561 -23.91 -13.56 3.30
C VAL A 561 -24.37 -13.22 1.88
N ASP A 562 -25.65 -12.94 1.70
CA ASP A 562 -26.19 -12.54 0.38
C ASP A 562 -26.16 -13.69 -0.62
N ARG A 573 -30.87 -10.37 -12.89
CA ARG A 573 -30.13 -11.55 -13.28
C ARG A 573 -29.33 -11.33 -14.55
N VAL A 574 -28.85 -12.42 -15.15
CA VAL A 574 -27.96 -12.35 -16.31
C VAL A 574 -28.68 -12.95 -17.52
N HIS A 575 -28.36 -12.45 -18.71
CA HIS A 575 -29.04 -12.87 -19.93
C HIS A 575 -28.02 -13.26 -20.99
N PHE A 576 -28.34 -14.28 -21.79
CA PHE A 576 -27.42 -14.79 -22.81
C PHE A 576 -27.99 -14.64 -24.22
N TYR A 577 -27.13 -14.84 -25.22
CA TYR A 577 -27.55 -14.81 -26.63
C TYR A 577 -27.10 -16.05 -27.37
N GLU A 603 -27.24 -16.32 3.93
CA GLU A 603 -27.39 -16.69 5.33
C GLU A 603 -27.07 -15.53 6.26
N GLN A 604 -27.05 -15.84 7.56
CA GLN A 604 -26.62 -14.90 8.58
C GLN A 604 -25.57 -15.55 9.45
N LEU A 605 -24.49 -14.81 9.68
CA LEU A 605 -23.39 -15.28 10.51
C LEU A 605 -23.23 -14.32 11.67
N ILE A 606 -23.11 -14.88 12.88
CA ILE A 606 -22.96 -14.05 14.07
C ILE A 606 -21.66 -14.39 14.79
N ARG A 607 -20.77 -13.40 14.89
CA ARG A 607 -19.51 -13.58 15.63
C ARG A 607 -19.58 -12.81 16.92
N VAL A 608 -19.16 -13.43 18.02
CA VAL A 608 -19.12 -12.70 19.28
C VAL A 608 -17.68 -12.51 19.76
N TYR A 609 -17.33 -11.26 20.05
CA TYR A 609 -16.04 -10.93 20.62
C TYR A 609 -16.23 -10.36 22.02
N CYS A 610 -15.29 -10.66 22.91
CA CYS A 610 -15.29 -10.12 24.27
C CYS A 610 -14.09 -9.20 24.47
N LYS A 611 -14.35 -7.99 24.97
CA LYS A 611 -13.30 -6.99 25.20
C LYS A 611 -12.39 -7.36 26.38
N LYS A 612 -12.96 -7.86 27.46
CA LYS A 612 -12.18 -8.22 28.64
C LYS A 612 -11.30 -9.42 28.33
N LYS A 613 -9.99 -9.26 28.56
CA LYS A 613 -8.99 -10.21 28.07
C LYS A 613 -8.35 -11.09 29.15
N ASP A 614 -8.90 -11.06 30.36
CA ASP A 614 -8.42 -11.94 31.44
C ASP A 614 -9.06 -13.34 31.30
N GLY A 615 -8.39 -14.35 31.85
CA GLY A 615 -8.82 -15.74 31.69
C GLY A 615 -10.21 -16.07 32.20
N LYS A 616 -10.48 -15.67 33.44
CA LYS A 616 -11.74 -16.00 34.09
C LYS A 616 -12.93 -15.32 33.40
N SER A 617 -12.78 -14.03 33.11
CA SER A 617 -13.81 -13.29 32.38
C SER A 617 -14.00 -13.92 30.99
N LEU A 618 -12.91 -14.38 30.39
CA LEU A 618 -12.94 -15.03 29.08
C LEU A 618 -13.76 -16.32 29.13
N ASP A 619 -13.52 -17.15 30.14
CA ASP A 619 -14.34 -18.35 30.35
C ASP A 619 -15.81 -17.99 30.53
N ALA A 620 -16.06 -17.08 31.47
CA ALA A 620 -17.42 -16.63 31.76
C ALA A 620 -18.13 -16.17 30.49
N ALA A 621 -17.43 -15.34 29.71
CA ALA A 621 -17.99 -14.80 28.48
C ALA A 621 -18.25 -15.90 27.46
N GLY A 622 -17.30 -16.83 27.32
CA GLY A 622 -17.48 -17.95 26.42
C GLY A 622 -18.75 -18.71 26.73
N LYS A 623 -18.93 -19.08 27.99
CA LYS A 623 -20.10 -19.85 28.36
C LYS A 623 -21.39 -19.00 28.32
N HIS A 624 -21.28 -17.70 28.61
CA HIS A 624 -22.40 -16.78 28.37
C HIS A 624 -22.86 -16.89 26.92
N PHE A 625 -21.89 -16.81 26.00
CA PHE A 625 -22.17 -16.91 24.57
C PHE A 625 -22.83 -18.24 24.24
N VAL A 626 -22.26 -19.34 24.74
CA VAL A 626 -22.88 -20.65 24.50
C VAL A 626 -24.35 -20.67 24.96
N GLN A 627 -24.60 -20.17 26.16
CA GLN A 627 -25.96 -20.19 26.69
C GLN A 627 -26.88 -19.29 25.87
N TRP A 628 -26.38 -18.13 25.46
CA TRP A 628 -27.15 -17.24 24.61
C TRP A 628 -27.51 -17.95 23.30
N CYS A 629 -26.55 -18.68 22.74
CA CYS A 629 -26.81 -19.46 21.53
C CYS A 629 -27.90 -20.50 21.78
N ALA A 630 -27.74 -21.27 22.86
CA ALA A 630 -28.75 -22.27 23.20
C ALA A 630 -30.13 -21.66 23.38
N LEU A 631 -30.20 -20.51 24.06
CA LEU A 631 -31.48 -19.88 24.37
C LEU A 631 -32.25 -19.45 23.12
N ARG A 632 -31.55 -18.82 22.19
CA ARG A 632 -32.16 -18.37 20.94
C ARG A 632 -32.30 -19.51 19.94
N ASP A 633 -31.94 -20.72 20.37
CA ASP A 633 -31.94 -21.89 19.50
C ASP A 633 -31.02 -21.64 18.31
N PHE A 634 -29.79 -21.25 18.61
CA PHE A 634 -28.77 -21.04 17.59
C PHE A 634 -27.84 -22.24 17.53
N THR A 635 -27.12 -22.35 16.43
CA THR A 635 -26.15 -23.42 16.23
C THR A 635 -25.16 -23.49 17.39
N LYS A 636 -24.67 -24.68 17.67
CA LYS A 636 -23.59 -24.84 18.64
C LYS A 636 -22.37 -24.06 18.12
N PRO A 637 -21.83 -23.14 18.96
CA PRO A 637 -20.73 -22.29 18.51
C PRO A 637 -19.57 -23.04 17.88
N GLN A 638 -19.06 -22.52 16.77
CA GLN A 638 -17.96 -23.09 15.98
C GLN A 638 -17.28 -24.33 16.58
N THR B 86 -7.72 -25.31 28.54
CA THR B 86 -7.41 -23.95 28.08
C THR B 86 -6.17 -23.96 27.16
N ASP B 87 -5.72 -22.77 26.75
CA ASP B 87 -4.46 -22.61 26.03
C ASP B 87 -3.36 -22.25 27.02
N LEU B 88 -2.13 -22.56 26.67
CA LEU B 88 -1.00 -22.16 27.51
C LEU B 88 -0.81 -20.66 27.36
N ARG B 89 -1.28 -20.13 26.23
CA ARG B 89 -1.15 -18.72 25.94
C ARG B 89 -1.82 -17.89 27.03
N THR B 90 -2.95 -18.36 27.54
CA THR B 90 -3.69 -17.65 28.58
C THR B 90 -3.05 -17.77 29.96
N TRP B 91 -2.20 -18.77 30.14
CA TRP B 91 -1.61 -19.04 31.45
C TRP B 91 -0.58 -17.98 31.85
N GLU B 92 -0.82 -17.36 33.00
CA GLU B 92 0.19 -16.53 33.64
C GLU B 92 1.27 -17.46 34.20
N PRO B 93 2.37 -16.90 34.72
CA PRO B 93 3.41 -17.77 35.29
C PRO B 93 2.90 -18.60 36.47
N GLU B 94 2.09 -17.99 37.33
CA GLU B 94 1.54 -18.71 38.48
C GLU B 94 0.63 -19.85 38.03
N ASP B 95 -0.08 -19.64 36.93
CA ASP B 95 -0.91 -20.69 36.36
C ASP B 95 -0.02 -21.86 35.95
N VAL B 96 1.11 -21.57 35.33
CA VAL B 96 2.10 -22.58 34.99
C VAL B 96 2.61 -23.25 36.27
N CYS B 97 2.85 -22.45 37.30
CA CYS B 97 3.31 -22.99 38.58
C CYS B 97 2.29 -23.96 39.18
N SER B 98 1.01 -23.60 39.09
CA SER B 98 -0.05 -24.47 39.59
C SER B 98 -0.13 -25.75 38.75
N PHE B 99 -0.01 -25.60 37.43
CA PHE B 99 0.05 -26.78 36.55
C PHE B 99 1.20 -27.68 36.93
N LEU B 100 2.36 -27.09 37.16
CA LEU B 100 3.54 -27.86 37.54
C LEU B 100 3.35 -28.55 38.87
N GLU B 101 2.75 -27.84 39.83
CA GLU B 101 2.48 -28.43 41.13
C GLU B 101 1.52 -29.61 41.03
N ASN B 102 0.37 -29.37 40.41
CA ASN B 102 -0.68 -30.38 40.35
C ASN B 102 -0.36 -31.50 39.39
N ARG B 103 0.78 -31.39 38.71
CA ARG B 103 1.34 -32.47 37.90
C ARG B 103 2.53 -33.14 38.60
N GLY B 104 2.77 -32.75 39.86
CA GLY B 104 3.69 -33.48 40.73
C GLY B 104 4.96 -32.77 41.17
N PHE B 105 5.31 -31.66 40.52
CA PHE B 105 6.49 -30.89 40.89
C PHE B 105 6.15 -29.85 41.95
N ARG B 106 6.29 -30.21 43.22
CA ARG B 106 5.80 -29.39 44.32
C ARG B 106 6.92 -28.75 45.15
N GLU B 107 8.13 -28.75 44.62
CA GLU B 107 9.28 -28.22 45.34
C GLU B 107 9.47 -26.74 45.02
N LYS B 108 9.37 -25.92 46.06
CA LYS B 108 9.25 -24.46 45.93
C LYS B 108 10.37 -23.77 45.15
N LYS B 109 11.58 -24.36 45.16
CA LYS B 109 12.70 -23.78 44.42
C LYS B 109 12.38 -23.74 42.92
N VAL B 110 11.91 -24.87 42.41
CA VAL B 110 11.57 -25.00 40.99
C VAL B 110 10.40 -24.07 40.61
N LEU B 111 9.44 -23.89 41.50
CA LEU B 111 8.32 -22.96 41.26
C LEU B 111 8.83 -21.51 41.28
N ASP B 112 9.78 -21.26 42.16
CA ASP B 112 10.42 -19.95 42.24
C ASP B 112 11.13 -19.65 40.92
N ILE B 113 11.82 -20.63 40.35
CA ILE B 113 12.40 -20.47 39.01
C ILE B 113 11.39 -19.88 38.03
N PHE B 114 10.23 -20.52 37.91
CA PHE B 114 9.23 -20.09 36.93
C PHE B 114 8.60 -18.76 37.26
N ARG B 115 8.30 -18.51 38.52
CA ARG B 115 7.80 -17.18 38.89
C ARG B 115 8.82 -16.10 38.55
N ASP B 116 10.09 -16.33 38.91
CA ASP B 116 11.13 -15.33 38.75
C ASP B 116 11.38 -14.94 37.29
N ASN B 117 11.43 -15.93 36.40
CA ASN B 117 11.69 -15.67 35.00
C ASN B 117 10.43 -15.37 34.22
N LYS B 118 9.29 -15.29 34.93
CA LYS B 118 8.02 -14.95 34.32
C LYS B 118 7.73 -15.86 33.13
N ILE B 119 7.93 -17.16 33.34
CA ILE B 119 7.75 -18.16 32.30
C ILE B 119 6.27 -18.50 32.13
N ALA B 120 5.56 -17.64 31.39
CA ALA B 120 4.17 -17.88 31.06
C ALA B 120 4.04 -19.14 30.21
N GLY B 121 2.82 -19.62 30.04
CA GLY B 121 2.58 -20.88 29.38
C GLY B 121 3.14 -20.97 27.98
N SER B 122 3.10 -19.86 27.25
CA SER B 122 3.45 -19.86 25.83
C SER B 122 4.86 -20.37 25.57
N PHE B 123 5.73 -20.26 26.55
CA PHE B 123 7.13 -20.72 26.42
C PHE B 123 7.27 -22.23 26.52
N LEU B 124 6.33 -22.87 27.22
CA LEU B 124 6.48 -24.28 27.63
C LEU B 124 6.85 -25.25 26.51
N PRO B 125 6.16 -25.17 25.36
CA PRO B 125 6.47 -26.12 24.28
C PRO B 125 7.80 -25.83 23.57
N PHE B 126 8.54 -24.84 24.07
CA PHE B 126 9.82 -24.47 23.47
C PHE B 126 10.96 -24.70 24.44
N LEU B 127 10.63 -25.27 25.61
CA LEU B 127 11.63 -25.58 26.61
C LEU B 127 12.37 -26.88 26.28
N ASP B 128 13.62 -26.93 26.72
CA ASP B 128 14.51 -28.04 26.44
C ASP B 128 14.88 -28.75 27.73
N GLU B 129 15.48 -29.92 27.58
CA GLU B 129 16.11 -30.61 28.70
C GLU B 129 17.22 -29.68 29.19
N ASP B 130 17.93 -29.12 28.22
CA ASP B 130 19.07 -28.24 28.47
C ASP B 130 18.62 -26.87 28.97
N ARG B 131 17.47 -26.38 28.48
CA ARG B 131 16.95 -25.12 28.95
C ARG B 131 16.56 -25.25 30.41
N LEU B 132 15.87 -26.34 30.73
CA LEU B 132 15.46 -26.58 32.11
C LEU B 132 16.68 -26.76 32.97
N GLU B 133 17.71 -27.42 32.42
CA GLU B 133 18.99 -27.52 33.11
C GLU B 133 19.58 -26.12 33.39
N ASP B 134 19.61 -25.27 32.38
CA ASP B 134 20.21 -23.94 32.50
C ASP B 134 19.42 -22.99 33.43
N LEU B 135 18.09 -23.07 33.37
CA LEU B 135 17.23 -22.30 34.29
C LEU B 135 17.54 -22.67 35.72
N GLY B 136 17.91 -23.94 35.91
CA GLY B 136 18.40 -24.41 37.18
C GLY B 136 17.49 -25.44 37.82
N VAL B 137 17.30 -26.56 37.12
CA VAL B 137 16.76 -27.76 37.74
C VAL B 137 17.84 -28.82 37.53
N SER B 138 18.37 -29.30 38.65
CA SER B 138 19.54 -30.14 38.61
C SER B 138 19.17 -31.62 38.73
N SER B 139 17.88 -31.89 38.58
CA SER B 139 17.35 -33.25 38.66
C SER B 139 17.19 -33.81 37.25
N LEU B 140 18.21 -34.52 36.79
CA LEU B 140 18.30 -34.99 35.41
C LEU B 140 17.08 -35.81 34.97
N GLU B 141 16.37 -36.41 35.93
CA GLU B 141 15.16 -37.17 35.61
C GLU B 141 13.92 -36.29 35.70
N GLU B 142 13.93 -35.32 36.62
CA GLU B 142 12.81 -34.40 36.76
C GLU B 142 12.58 -33.59 35.50
N ARG B 143 13.67 -33.13 34.89
CA ARG B 143 13.57 -32.32 33.67
C ARG B 143 12.90 -33.15 32.57
N LYS B 144 13.29 -34.42 32.46
CA LYS B 144 12.75 -35.33 31.46
C LYS B 144 11.23 -35.45 31.62
N LYS B 145 10.78 -35.69 32.85
CA LYS B 145 9.35 -35.83 33.12
C LYS B 145 8.63 -34.49 32.95
N MET B 146 9.27 -33.39 33.32
CA MET B 146 8.72 -32.05 33.05
C MET B 146 8.38 -31.93 31.57
N ILE B 147 9.37 -32.22 30.74
CA ILE B 147 9.17 -32.15 29.30
C ILE B 147 8.12 -33.16 28.86
N GLU B 148 8.08 -34.34 29.47
CA GLU B 148 7.01 -35.29 29.17
C GLU B 148 5.64 -34.64 29.38
N CYS B 149 5.45 -34.02 30.55
CA CYS B 149 4.21 -33.31 30.83
C CYS B 149 3.93 -32.24 29.78
N ILE B 150 4.94 -31.47 29.42
CA ILE B 150 4.75 -30.46 28.39
C ILE B 150 4.39 -31.07 27.04
N GLN B 151 4.98 -32.21 26.70
CA GLN B 151 4.65 -32.87 25.44
C GLN B 151 3.21 -33.38 25.44
N GLN B 152 2.79 -33.96 26.55
CA GLN B 152 1.43 -34.50 26.65
C GLN B 152 0.34 -33.46 26.38
N LEU B 153 0.68 -32.18 26.55
CA LEU B 153 -0.31 -31.10 26.40
C LEU B 153 -0.87 -31.02 24.98
N SER B 154 -2.11 -30.52 24.90
CA SER B 154 -2.80 -30.31 23.63
C SER B 154 -1.95 -29.55 22.63
N GLN B 155 -1.54 -28.34 23.00
CA GLN B 155 -0.85 -27.45 22.08
C GLN B 155 0.65 -27.73 22.05
N SER B 156 1.19 -27.94 20.86
CA SER B 156 2.60 -28.26 20.65
C SER B 156 3.40 -27.04 20.19
N ARG B 157 4.67 -27.26 19.88
CA ARG B 157 5.52 -26.23 19.31
C ARG B 157 4.88 -25.67 18.04
N ILE B 158 4.56 -26.55 17.10
CA ILE B 158 4.02 -26.17 15.80
C ILE B 158 2.64 -25.51 15.89
N ASP B 159 2.00 -25.65 17.04
CA ASP B 159 0.63 -25.16 17.25
C ASP B 159 0.60 -23.70 17.71
N LEU B 160 1.77 -23.13 17.97
CA LEU B 160 1.90 -21.73 18.41
C LEU B 160 2.73 -20.90 17.44
N MET B 161 3.12 -21.52 16.33
CA MET B 161 3.71 -20.78 15.22
C MET B 161 2.60 -19.91 14.65
N LYS B 162 2.93 -18.82 13.97
CA LYS B 162 1.88 -18.08 13.27
C LYS B 162 2.13 -18.07 11.77
N VAL B 163 1.03 -18.24 11.02
CA VAL B 163 1.12 -18.37 9.57
C VAL B 163 0.62 -17.12 8.84
N PHE B 164 1.55 -16.40 8.22
CA PHE B 164 1.20 -15.29 7.35
C PHE B 164 0.97 -15.78 5.93
N ASN B 165 -0.01 -15.21 5.25
CA ASN B 165 -0.27 -15.53 3.87
C ASN B 165 0.25 -14.45 2.91
N ASP B 166 1.39 -14.74 2.29
CA ASP B 166 2.10 -13.81 1.42
C ASP B 166 1.91 -14.18 -0.05
N PRO B 167 1.62 -13.19 -0.91
CA PRO B 167 1.49 -13.50 -2.33
C PRO B 167 2.82 -13.73 -3.05
N ILE B 168 3.93 -13.40 -2.41
CA ILE B 168 5.24 -13.67 -2.98
C ILE B 168 5.74 -15.06 -2.59
N HIS B 169 5.48 -15.46 -1.35
CA HIS B 169 6.08 -16.66 -0.77
C HIS B 169 5.08 -17.73 -0.34
N GLY B 170 3.80 -17.47 -0.54
CA GLY B 170 2.77 -18.41 -0.15
C GLY B 170 2.57 -18.28 1.33
N HIS B 171 2.45 -19.39 2.04
CA HIS B 171 2.27 -19.31 3.48
C HIS B 171 3.60 -19.18 4.18
N ILE B 172 3.60 -18.60 5.38
CA ILE B 172 4.85 -18.29 6.09
C ILE B 172 4.69 -18.52 7.59
N GLU B 173 5.44 -19.47 8.13
CA GLU B 173 5.42 -19.74 9.56
C GLU B 173 6.43 -18.85 10.28
N PHE B 174 6.02 -18.27 11.40
CA PHE B 174 6.93 -17.54 12.27
C PHE B 174 6.84 -18.03 13.73
N HIS B 175 8.01 -18.35 14.27
CA HIS B 175 8.21 -18.66 15.68
C HIS B 175 7.75 -17.47 16.55
N PRO B 176 7.04 -17.75 17.66
CA PRO B 176 6.35 -16.71 18.44
C PRO B 176 7.20 -15.49 18.83
N LEU B 177 8.48 -15.70 19.15
CA LEU B 177 9.37 -14.58 19.47
C LEU B 177 9.36 -13.55 18.34
N LEU B 178 9.47 -14.05 17.11
CA LEU B 178 9.45 -13.20 15.94
C LEU B 178 8.16 -12.37 15.91
N ILE B 179 7.02 -13.02 16.21
CA ILE B 179 5.76 -12.30 16.32
C ILE B 179 5.84 -11.22 17.39
N ARG B 180 6.43 -11.56 18.54
CA ARG B 180 6.58 -10.57 19.61
C ARG B 180 7.37 -9.36 19.13
N ILE B 181 8.42 -9.60 18.36
CA ILE B 181 9.15 -8.49 17.76
C ILE B 181 8.26 -7.74 16.77
N ILE B 182 7.58 -8.49 15.91
CA ILE B 182 6.68 -7.93 14.89
C ILE B 182 5.58 -7.06 15.48
N ASP B 183 4.96 -7.52 16.57
CA ASP B 183 3.83 -6.83 17.15
C ASP B 183 4.27 -5.71 18.11
N THR B 184 5.03 -4.77 17.59
CA THR B 184 5.46 -3.61 18.37
C THR B 184 5.29 -2.35 17.51
N PRO B 185 5.07 -1.20 18.17
CA PRO B 185 5.13 0.09 17.51
C PRO B 185 6.33 0.22 16.56
N GLN B 186 7.48 -0.11 17.11
CA GLN B 186 8.74 0.01 16.40
C GLN B 186 8.69 -0.69 15.05
N PHE B 187 8.09 -1.87 15.02
CA PHE B 187 8.04 -2.68 13.81
C PHE B 187 6.82 -2.33 12.97
N GLN B 188 5.67 -2.23 13.63
CA GLN B 188 4.42 -1.94 12.93
C GLN B 188 4.53 -0.65 12.15
N ARG B 189 5.34 0.28 12.64
CA ARG B 189 5.64 1.51 11.92
C ARG B 189 6.01 1.27 10.45
N LEU B 190 6.56 0.10 10.13
CA LEU B 190 6.94 -0.18 8.74
C LEU B 190 5.77 -0.38 7.80
N ARG B 191 4.55 -0.43 8.35
CA ARG B 191 3.35 -0.49 7.52
C ARG B 191 3.09 0.81 6.78
N TYR B 192 3.77 1.88 7.19
CA TYR B 192 3.44 3.23 6.76
C TYR B 192 4.59 3.91 6.04
N ILE B 193 5.42 3.08 5.40
CA ILE B 193 6.53 3.55 4.59
C ILE B 193 6.58 2.78 3.27
N LYS B 194 6.24 3.45 2.17
CA LYS B 194 6.24 2.82 0.85
C LYS B 194 7.64 2.34 0.49
N GLN B 195 7.71 1.12 -0.04
CA GLN B 195 8.99 0.50 -0.41
C GLN B 195 9.74 1.34 -1.45
N LEU B 196 9.03 1.67 -2.53
CA LEU B 196 9.63 2.35 -3.65
C LEU B 196 9.45 3.87 -3.57
N GLY B 197 9.02 4.35 -2.40
CA GLY B 197 8.88 5.77 -2.15
C GLY B 197 8.04 6.52 -3.16
N GLY B 198 8.71 7.32 -3.99
CA GLY B 198 8.04 8.07 -5.05
C GLY B 198 7.49 7.14 -6.11
N GLY B 199 8.06 5.95 -6.20
CA GLY B 199 7.59 4.92 -7.11
C GLY B 199 6.09 4.84 -7.24
N TYR B 200 5.41 4.82 -6.10
CA TYR B 200 3.96 4.67 -6.08
C TYR B 200 3.25 5.71 -6.95
N TYR B 201 3.89 6.86 -7.12
CA TYR B 201 3.30 7.95 -7.88
C TYR B 201 3.63 7.86 -9.36
N VAL B 202 4.37 6.83 -9.73
CA VAL B 202 4.65 6.56 -11.13
C VAL B 202 4.13 5.17 -11.49
N PHE B 203 4.31 4.23 -10.56
CA PHE B 203 3.80 2.88 -10.72
C PHE B 203 2.68 2.66 -9.72
N PRO B 204 1.41 2.74 -10.19
CA PRO B 204 0.31 2.64 -9.26
C PRO B 204 0.23 1.26 -8.59
N GLY B 205 0.91 0.29 -9.18
CA GLY B 205 1.00 -1.04 -8.60
C GLY B 205 1.81 -1.08 -7.31
N ALA B 206 2.76 -0.16 -7.19
CA ALA B 206 3.77 -0.20 -6.13
C ALA B 206 3.26 0.44 -4.85
N SER B 207 2.26 -0.18 -4.25
CA SER B 207 1.63 0.33 -3.04
C SER B 207 2.19 -0.31 -1.78
N HIS B 208 3.07 -1.29 -1.96
CA HIS B 208 3.59 -2.08 -0.86
C HIS B 208 4.56 -1.31 0.00
N ASN B 209 4.57 -1.67 1.28
CA ASN B 209 5.38 -1.00 2.29
C ASN B 209 6.49 -1.91 2.79
N ARG B 210 7.36 -1.36 3.63
CA ARG B 210 8.51 -2.08 4.15
C ARG B 210 8.12 -3.27 5.04
N PHE B 211 6.96 -3.17 5.66
CA PHE B 211 6.47 -4.18 6.58
C PHE B 211 6.46 -5.59 5.97
N GLU B 212 5.73 -5.77 4.88
CA GLU B 212 5.58 -7.08 4.29
C GLU B 212 6.89 -7.59 3.68
N HIS B 213 7.72 -6.66 3.21
CA HIS B 213 9.03 -7.00 2.65
C HIS B 213 9.94 -7.48 3.77
N SER B 214 9.86 -6.81 4.91
CA SER B 214 10.64 -7.21 6.06
C SER B 214 10.23 -8.62 6.49
N LEU B 215 8.92 -8.86 6.57
CA LEU B 215 8.45 -10.22 6.83
C LEU B 215 9.07 -11.22 5.87
N GLY B 216 8.97 -10.91 4.58
CA GLY B 216 9.53 -11.77 3.56
C GLY B 216 11.00 -12.09 3.80
N VAL B 217 11.78 -11.05 4.06
CA VAL B 217 13.21 -11.23 4.31
C VAL B 217 13.46 -12.13 5.51
N GLY B 218 12.74 -11.89 6.60
CA GLY B 218 12.81 -12.77 7.75
C GLY B 218 12.63 -14.22 7.35
N TYR B 219 11.53 -14.47 6.65
CA TYR B 219 11.20 -15.83 6.23
C TYR B 219 12.29 -16.47 5.37
N LEU B 220 12.74 -15.74 4.34
CA LEU B 220 13.77 -16.27 3.45
C LEU B 220 15.07 -16.57 4.21
N ALA B 221 15.49 -15.64 5.07
CA ALA B 221 16.66 -15.87 5.92
C ALA B 221 16.52 -17.20 6.67
N GLY B 222 15.37 -17.37 7.34
CA GLY B 222 15.04 -18.63 7.97
C GLY B 222 15.19 -19.83 7.05
N CYS B 223 14.64 -19.71 5.84
CA CYS B 223 14.75 -20.81 4.89
C CYS B 223 16.19 -21.19 4.58
N LEU B 224 17.00 -20.22 4.17
CA LEU B 224 18.38 -20.53 3.79
C LEU B 224 19.17 -21.11 4.95
N VAL B 225 19.03 -20.50 6.12
CA VAL B 225 19.78 -21.00 7.27
C VAL B 225 19.32 -22.42 7.62
N ARG B 226 18.02 -22.68 7.56
CA ARG B 226 17.54 -24.06 7.75
C ARG B 226 18.17 -25.04 6.77
N ALA B 227 18.07 -24.74 5.47
CA ALA B 227 18.59 -25.64 4.44
C ALA B 227 20.03 -25.98 4.69
N LEU B 228 20.84 -24.96 4.94
CA LEU B 228 22.25 -25.22 5.24
C LEU B 228 22.37 -26.05 6.51
N ALA B 229 21.53 -25.76 7.51
CA ALA B 229 21.55 -26.55 8.74
C ALA B 229 21.29 -28.04 8.49
N GLU B 230 20.23 -28.40 7.74
CA GLU B 230 19.99 -29.83 7.50
C GLU B 230 21.10 -30.44 6.66
N LYS B 231 21.43 -29.80 5.55
CA LYS B 231 22.39 -30.38 4.61
C LYS B 231 23.77 -30.63 5.19
N GLN B 232 24.18 -29.79 6.14
CA GLN B 232 25.49 -29.89 6.77
C GLN B 232 25.37 -29.68 8.27
N PRO B 233 25.00 -30.74 9.01
CA PRO B 233 24.83 -30.62 10.46
C PRO B 233 26.17 -30.50 11.19
N GLU B 234 27.25 -30.76 10.47
CA GLU B 234 28.59 -30.59 11.02
C GLU B 234 28.86 -29.13 11.37
N LEU B 235 28.13 -28.24 10.69
CA LEU B 235 28.28 -26.80 10.87
C LEU B 235 27.87 -26.32 12.26
N GLN B 236 27.12 -27.15 12.98
CA GLN B 236 26.71 -26.86 14.35
C GLN B 236 25.80 -25.63 14.43
N ILE B 237 24.96 -25.46 13.41
CA ILE B 237 24.00 -24.39 13.39
C ILE B 237 22.81 -24.76 14.26
N SER B 238 22.55 -23.96 15.29
CA SER B 238 21.52 -24.29 16.27
C SER B 238 20.24 -23.53 15.98
N GLU B 239 19.18 -23.88 16.72
CA GLU B 239 17.93 -23.13 16.68
C GLU B 239 18.20 -21.66 16.93
N ARG B 240 19.04 -21.41 17.94
CA ARG B 240 19.43 -20.07 18.34
C ARG B 240 19.94 -19.28 17.15
N ASP B 241 20.92 -19.86 16.44
CA ASP B 241 21.50 -19.20 15.28
C ASP B 241 20.42 -18.85 14.26
N ILE B 242 19.52 -19.80 14.03
CA ILE B 242 18.46 -19.64 13.06
C ILE B 242 17.54 -18.49 13.43
N LEU B 243 17.13 -18.44 14.70
CA LEU B 243 16.29 -17.35 15.16
C LEU B 243 16.98 -16.01 15.07
N CYS B 244 18.25 -15.96 15.45
CA CYS B 244 18.99 -14.70 15.33
C CYS B 244 19.08 -14.25 13.87
N VAL B 245 19.27 -15.21 12.97
CA VAL B 245 19.33 -14.88 11.56
C VAL B 245 17.97 -14.36 11.09
N GLN B 246 16.90 -15.03 11.50
CA GLN B 246 15.56 -14.55 11.16
C GLN B 246 15.29 -13.15 11.71
N ILE B 247 15.70 -12.90 12.95
CA ILE B 247 15.46 -11.59 13.55
C ILE B 247 16.26 -10.52 12.83
N ALA B 248 17.50 -10.83 12.47
CA ALA B 248 18.29 -9.92 11.66
C ALA B 248 17.55 -9.62 10.38
N GLY B 249 17.03 -10.68 9.76
CA GLY B 249 16.17 -10.56 8.58
C GLY B 249 15.02 -9.60 8.76
N LEU B 250 14.13 -9.91 9.71
CA LEU B 250 12.97 -9.08 10.04
C LEU B 250 13.32 -7.61 10.17
N CYS B 251 14.45 -7.34 10.81
CA CYS B 251 14.72 -6.01 11.31
C CYS B 251 15.76 -5.22 10.50
N HIS B 252 16.09 -5.68 9.30
CA HIS B 252 17.11 -5.04 8.47
C HIS B 252 16.67 -3.67 7.94
N ASP B 253 15.35 -3.48 7.84
CA ASP B 253 14.79 -2.24 7.32
C ASP B 253 14.03 -1.46 8.42
N LEU B 254 14.22 -1.86 9.68
CA LEU B 254 13.55 -1.22 10.82
C LEU B 254 13.74 0.29 10.88
N GLY B 255 14.86 0.77 10.35
CA GLY B 255 15.23 2.16 10.47
C GLY B 255 15.15 2.99 9.20
N HIS B 256 14.30 2.58 8.26
CA HIS B 256 14.00 3.42 7.12
C HIS B 256 13.07 4.55 7.55
N GLY B 257 13.24 5.72 6.94
CA GLY B 257 12.39 6.85 7.20
C GLY B 257 11.28 6.94 6.16
N PRO B 258 10.52 8.05 6.19
CA PRO B 258 9.47 8.30 5.21
C PRO B 258 9.94 8.13 3.77
N PHE B 259 9.19 7.37 2.96
CA PHE B 259 9.48 7.19 1.55
C PHE B 259 10.84 6.52 1.35
N SER B 260 11.21 5.70 2.33
CA SER B 260 12.31 4.76 2.22
C SER B 260 13.63 5.43 1.87
N HIS B 261 14.11 5.22 0.63
CA HIS B 261 15.48 5.57 0.30
C HIS B 261 15.65 7.05 0.09
N MET B 262 14.56 7.75 -0.19
CA MET B 262 14.60 9.18 -0.32
C MET B 262 15.13 9.80 0.96
N PHE B 263 14.59 9.38 2.09
CA PHE B 263 14.88 10.03 3.38
C PHE B 263 16.35 10.00 3.76
N ASP B 264 16.97 8.81 3.68
CA ASP B 264 18.37 8.63 4.06
C ASP B 264 19.33 8.99 2.93
N GLY B 265 18.80 9.12 1.72
CA GLY B 265 19.61 9.35 0.53
C GLY B 265 19.47 10.71 -0.12
N ARG B 266 18.40 11.42 0.17
CA ARG B 266 18.21 12.78 -0.38
C ARG B 266 18.02 13.82 0.71
N PHE B 267 17.15 13.55 1.68
CA PHE B 267 16.76 14.56 2.64
C PHE B 267 17.77 14.80 3.77
N ILE B 268 18.16 13.74 4.47
CA ILE B 268 19.11 13.90 5.58
C ILE B 268 20.47 14.42 5.10
N PRO B 269 21.00 13.87 3.99
CA PRO B 269 22.29 14.38 3.49
C PRO B 269 22.21 15.84 3.11
N ARG B 270 21.03 16.27 2.69
CA ARG B 270 20.82 17.66 2.26
C ARG B 270 20.50 18.57 3.46
N ALA B 271 19.91 18.01 4.51
CA ALA B 271 19.52 18.78 5.68
C ALA B 271 20.55 18.74 6.81
N ARG B 272 21.41 17.72 6.81
CA ARG B 272 22.46 17.57 7.83
C ARG B 272 23.74 17.08 7.17
N PRO B 273 24.33 17.88 6.28
CA PRO B 273 25.49 17.44 5.49
C PRO B 273 26.65 16.98 6.35
N GLU B 274 26.77 17.57 7.54
CA GLU B 274 27.81 17.21 8.48
C GLU B 274 27.65 15.73 8.88
N LYS B 275 26.40 15.36 9.17
CA LYS B 275 26.12 14.02 9.66
C LYS B 275 26.10 13.00 8.54
N LYS B 276 26.75 11.86 8.78
CA LYS B 276 26.61 10.71 7.91
C LYS B 276 25.62 9.78 8.58
N TRP B 277 24.65 9.32 7.80
CA TRP B 277 23.54 8.52 8.32
C TRP B 277 23.13 7.47 7.31
N LYS B 278 22.96 6.25 7.79
CA LYS B 278 22.53 5.13 6.94
C LYS B 278 21.28 4.54 7.59
N HIS B 279 20.35 4.06 6.79
CA HIS B 279 19.12 3.51 7.34
C HIS B 279 19.42 2.30 8.24
N GLU B 280 20.56 1.65 7.98
CA GLU B 280 21.02 0.54 8.81
C GLU B 280 21.33 0.99 10.23
N GLN B 281 22.02 2.12 10.36
CA GLN B 281 22.30 2.73 11.65
C GLN B 281 21.01 2.86 12.45
N GLY B 282 20.00 3.42 11.77
CA GLY B 282 18.69 3.55 12.36
C GLY B 282 18.11 2.19 12.66
N SER B 283 18.34 1.21 11.78
CA SER B 283 17.82 -0.13 12.01
C SER B 283 18.32 -0.71 13.32
N ILE B 284 19.64 -0.73 13.51
CA ILE B 284 20.17 -1.34 14.73
C ILE B 284 19.76 -0.51 15.96
N GLU B 285 19.80 0.82 15.83
CA GLU B 285 19.37 1.66 16.95
C GLU B 285 17.91 1.36 17.31
N MET B 286 17.08 1.18 16.30
CA MET B 286 15.65 0.96 16.54
C MET B 286 15.41 -0.42 17.08
N PHE B 287 16.19 -1.40 16.63
CA PHE B 287 16.07 -2.76 17.18
C PHE B 287 16.36 -2.75 18.67
N GLU B 288 17.46 -2.08 19.02
CA GLU B 288 17.82 -1.88 20.43
C GLU B 288 16.67 -1.19 21.16
N HIS B 289 16.09 -0.17 20.55
CA HIS B 289 14.92 0.49 21.14
C HIS B 289 13.73 -0.45 21.26
N LEU B 290 13.53 -1.28 20.25
CA LEU B 290 12.38 -2.18 20.18
C LEU B 290 12.41 -3.15 21.35
N VAL B 291 13.52 -3.87 21.49
CA VAL B 291 13.61 -4.89 22.53
C VAL B 291 13.47 -4.29 23.92
N ASN B 292 13.92 -3.05 24.09
CA ASN B 292 13.91 -2.44 25.41
C ASN B 292 12.58 -1.79 25.76
N SER B 293 11.94 -1.14 24.78
CA SER B 293 10.63 -0.52 25.04
C SER B 293 9.61 -1.59 25.42
N ASN B 294 9.76 -2.76 24.82
CA ASN B 294 8.79 -3.83 24.95
C ASN B 294 9.28 -4.96 25.85
N GLU B 295 10.46 -4.77 26.44
CA GLU B 295 11.03 -5.72 27.41
C GLU B 295 11.08 -7.14 26.90
N LEU B 296 11.48 -7.30 25.64
CA LEU B 296 11.62 -8.61 25.04
C LEU B 296 12.96 -9.29 25.38
N LYS B 297 13.79 -8.66 26.21
CA LYS B 297 15.07 -9.26 26.58
C LYS B 297 14.83 -10.57 27.34
N LEU B 298 13.96 -10.45 28.35
CA LEU B 298 13.56 -11.57 29.18
C LEU B 298 12.91 -12.66 28.34
N VAL B 299 12.03 -12.22 27.43
CA VAL B 299 11.33 -13.12 26.52
C VAL B 299 12.32 -13.87 25.64
N MET B 300 13.27 -13.14 25.05
CA MET B 300 14.33 -13.76 24.26
C MET B 300 15.05 -14.81 25.09
N LYS B 301 15.40 -14.46 26.32
CA LYS B 301 16.04 -15.42 27.22
C LYS B 301 15.18 -16.67 27.36
N ASN B 302 13.90 -16.50 27.67
CA ASN B 302 13.00 -17.64 27.85
C ASN B 302 12.79 -18.50 26.61
N TYR B 303 13.08 -17.95 25.43
CA TYR B 303 12.93 -18.73 24.20
C TYR B 303 14.25 -19.38 23.79
N GLY B 304 15.27 -19.20 24.62
CA GLY B 304 16.51 -19.92 24.44
C GLY B 304 17.60 -19.09 23.78
N LEU B 305 17.40 -17.77 23.73
CA LEU B 305 18.43 -16.86 23.24
C LEU B 305 19.25 -16.33 24.41
N VAL B 306 20.44 -15.82 24.10
CA VAL B 306 21.27 -15.14 25.08
C VAL B 306 21.34 -13.67 24.68
N PRO B 307 20.50 -12.82 25.30
CA PRO B 307 20.34 -11.44 24.83
C PRO B 307 21.66 -10.73 24.58
N GLU B 308 22.54 -10.83 25.56
CA GLU B 308 23.84 -10.15 25.52
C GLU B 308 24.64 -10.54 24.29
N GLU B 309 24.78 -11.84 24.07
CA GLU B 309 25.48 -12.35 22.88
C GLU B 309 24.73 -12.07 21.59
N ASP B 310 23.48 -12.53 21.54
CA ASP B 310 22.74 -12.58 20.29
C ASP B 310 22.29 -11.24 19.75
N ILE B 311 22.03 -10.27 20.62
CA ILE B 311 21.63 -8.95 20.11
C ILE B 311 22.79 -8.35 19.32
N THR B 312 24.02 -8.55 19.79
CA THR B 312 25.17 -8.06 19.06
C THR B 312 25.27 -8.73 17.69
N PHE B 313 24.98 -10.03 17.64
CA PHE B 313 24.96 -10.78 16.38
C PHE B 313 23.93 -10.20 15.42
N ILE B 314 22.70 -10.07 15.91
CA ILE B 314 21.62 -9.48 15.15
C ILE B 314 22.06 -8.13 14.57
N LYS B 315 22.49 -7.24 15.45
CA LYS B 315 22.99 -5.92 15.04
C LYS B 315 24.09 -6.03 13.98
N GLU B 316 25.06 -6.90 14.24
CA GLU B 316 26.21 -7.08 13.34
C GLU B 316 25.76 -7.51 11.94
N GLN B 317 24.76 -8.40 11.89
CA GLN B 317 24.23 -8.86 10.62
C GLN B 317 23.64 -7.74 9.79
N ILE B 318 22.97 -6.82 10.47
CA ILE B 318 22.31 -5.72 9.78
C ILE B 318 23.35 -4.72 9.31
N MET B 319 24.27 -4.40 10.22
CA MET B 319 25.27 -3.38 9.96
C MET B 319 26.39 -3.81 9.03
N GLY B 320 27.15 -4.82 9.44
CA GLY B 320 28.41 -5.15 8.79
C GLY B 320 29.53 -5.08 9.82
N PRO B 321 30.78 -5.32 9.40
CA PRO B 321 31.99 -5.44 10.25
C PRO B 321 31.87 -4.81 11.66
N SER B 329 42.48 -8.55 8.96
CA SER B 329 42.22 -9.90 8.51
C SER B 329 41.95 -10.86 9.68
N LEU B 330 41.86 -10.31 10.89
CA LEU B 330 41.37 -11.09 12.02
C LEU B 330 39.86 -11.00 12.04
N TRP B 331 39.21 -11.62 13.01
CA TRP B 331 37.76 -11.70 13.04
C TRP B 331 37.12 -10.45 13.64
N PRO B 332 36.50 -9.59 12.81
CA PRO B 332 35.96 -8.32 13.31
C PRO B 332 34.74 -8.49 14.22
N TYR B 333 33.85 -9.41 13.86
CA TYR B 333 32.59 -9.61 14.58
C TYR B 333 32.81 -10.16 15.99
N LYS B 334 31.90 -9.83 16.90
CA LYS B 334 31.95 -10.32 18.27
C LYS B 334 30.78 -11.27 18.54
N GLY B 335 29.73 -11.15 17.73
CA GLY B 335 28.53 -11.95 17.90
C GLY B 335 28.72 -13.44 17.73
N ARG B 336 29.55 -13.84 16.77
CA ARG B 336 29.83 -15.25 16.53
C ARG B 336 31.29 -15.50 16.17
N PRO B 337 31.82 -16.67 16.55
CA PRO B 337 33.18 -17.05 16.16
C PRO B 337 33.36 -17.19 14.64
N ALA B 338 34.60 -17.02 14.19
CA ALA B 338 34.94 -17.13 12.77
C ALA B 338 34.47 -18.45 12.15
N THR B 339 34.26 -19.45 12.99
CA THR B 339 33.86 -20.76 12.52
C THR B 339 32.44 -20.70 11.96
N LYS B 340 31.65 -19.75 12.47
CA LYS B 340 30.29 -19.52 12.00
C LYS B 340 30.19 -18.29 11.08
N SER B 341 31.19 -18.07 10.24
CA SER B 341 31.28 -16.83 9.46
C SER B 341 30.17 -16.71 8.43
N PHE B 342 29.87 -17.83 7.79
CA PHE B 342 28.90 -17.87 6.70
C PHE B 342 27.57 -17.24 7.09
N LEU B 343 27.20 -17.36 8.37
CA LEU B 343 25.95 -16.79 8.86
C LEU B 343 25.83 -15.30 8.54
N TYR B 344 26.97 -14.63 8.45
CA TYR B 344 26.98 -13.20 8.20
C TYR B 344 26.73 -12.84 6.72
N GLU B 345 26.78 -13.84 5.85
CA GLU B 345 26.57 -13.61 4.42
C GLU B 345 25.11 -13.80 4.04
N ILE B 346 24.28 -14.14 5.01
CA ILE B 346 22.89 -14.46 4.73
C ILE B 346 21.99 -13.24 4.55
N VAL B 347 21.84 -12.44 5.59
CA VAL B 347 20.85 -11.34 5.53
C VAL B 347 21.36 -10.19 4.67
N SER B 348 22.53 -9.66 5.02
CA SER B 348 23.17 -8.60 4.24
C SER B 348 24.52 -9.07 3.73
N ASN B 349 24.63 -9.14 2.41
CA ASN B 349 25.87 -9.48 1.74
C ASN B 349 26.22 -8.40 0.72
N LYS B 350 26.88 -7.34 1.20
CA LYS B 350 27.24 -6.21 0.35
C LYS B 350 28.40 -6.53 -0.60
N ARG B 351 29.16 -7.59 -0.30
CA ARG B 351 30.29 -7.99 -1.15
C ARG B 351 29.93 -8.26 -2.60
N ASN B 352 29.12 -9.29 -2.81
CA ASN B 352 28.80 -9.77 -4.15
C ASN B 352 27.34 -9.52 -4.51
N GLY B 353 26.64 -8.83 -3.61
CA GLY B 353 25.23 -8.51 -3.79
C GLY B 353 24.35 -9.71 -4.03
N ILE B 354 24.49 -10.71 -3.16
CA ILE B 354 23.66 -11.91 -3.22
C ILE B 354 23.19 -12.24 -1.80
N ASP B 355 22.03 -11.73 -1.43
CA ASP B 355 21.45 -11.94 -0.12
C ASP B 355 19.93 -12.02 -0.20
N VAL B 356 19.29 -12.37 0.91
CA VAL B 356 17.86 -12.62 0.92
C VAL B 356 17.01 -11.35 0.89
N ASP B 357 17.60 -10.22 1.30
CA ASP B 357 16.94 -8.92 1.21
C ASP B 357 16.65 -8.68 -0.27
N LYS B 358 17.70 -8.81 -1.07
CA LYS B 358 17.59 -8.64 -2.51
C LYS B 358 16.63 -9.61 -3.14
N TRP B 359 16.65 -10.84 -2.65
CA TRP B 359 15.77 -11.85 -3.20
C TRP B 359 14.33 -11.42 -3.01
N ASP B 360 13.99 -11.10 -1.77
CA ASP B 360 12.63 -10.68 -1.48
C ASP B 360 12.24 -9.42 -2.25
N TYR B 361 13.01 -8.34 -2.15
CA TYR B 361 12.51 -7.12 -2.76
C TYR B 361 12.56 -7.21 -4.29
N PHE B 362 13.49 -7.99 -4.85
CA PHE B 362 13.41 -8.26 -6.29
C PHE B 362 12.06 -8.89 -6.62
N ALA B 363 11.74 -10.00 -5.95
CA ALA B 363 10.50 -10.71 -6.27
C ALA B 363 9.27 -9.84 -6.05
N ARG B 364 9.19 -9.22 -4.88
CA ARG B 364 8.05 -8.40 -4.51
C ARG B 364 7.88 -7.21 -5.46
N ASP B 365 8.96 -6.49 -5.70
CA ASP B 365 8.88 -5.34 -6.57
C ASP B 365 8.54 -5.79 -7.99
N CYS B 366 9.08 -6.93 -8.43
CA CYS B 366 8.67 -7.48 -9.73
C CYS B 366 7.17 -7.76 -9.74
N HIS B 367 6.68 -8.34 -8.66
CA HIS B 367 5.25 -8.61 -8.51
C HIS B 367 4.41 -7.35 -8.65
N HIS B 368 4.75 -6.31 -7.90
CA HIS B 368 3.92 -5.11 -7.89
C HIS B 368 4.13 -4.20 -9.09
N LEU B 369 5.29 -4.25 -9.72
CA LEU B 369 5.53 -3.42 -10.91
C LEU B 369 5.00 -4.06 -12.18
N GLY B 370 4.90 -5.38 -12.18
CA GLY B 370 4.51 -6.10 -13.38
C GLY B 370 5.72 -6.45 -14.21
N ILE B 371 6.59 -7.27 -13.64
CA ILE B 371 7.82 -7.71 -14.29
C ILE B 371 8.00 -9.19 -13.99
N GLN B 372 8.45 -9.97 -14.97
CA GLN B 372 8.63 -11.39 -14.75
C GLN B 372 10.06 -11.60 -14.27
N ASN B 373 10.21 -12.39 -13.22
CA ASN B 373 11.47 -12.50 -12.53
C ASN B 373 12.13 -13.85 -12.84
N ASN B 374 13.15 -13.81 -13.68
CA ASN B 374 13.79 -15.01 -14.21
C ASN B 374 14.55 -15.83 -13.16
N PHE B 375 14.65 -15.29 -11.95
CA PHE B 375 15.50 -15.88 -10.92
C PHE B 375 14.71 -16.66 -9.86
N ASP B 376 14.93 -17.97 -9.82
CA ASP B 376 14.32 -18.84 -8.81
C ASP B 376 15.20 -19.02 -7.59
N TYR B 377 14.81 -18.41 -6.47
CA TYR B 377 15.61 -18.52 -5.26
C TYR B 377 15.47 -19.89 -4.62
N LYS B 378 14.32 -20.52 -4.82
CA LYS B 378 14.10 -21.86 -4.27
C LYS B 378 15.12 -22.82 -4.84
N ARG B 379 15.47 -22.60 -6.11
CA ARG B 379 16.47 -23.44 -6.77
C ARG B 379 17.83 -23.18 -6.18
N PHE B 380 18.08 -21.92 -5.82
CA PHE B 380 19.35 -21.51 -5.24
C PHE B 380 19.55 -22.15 -3.88
N ILE B 381 18.53 -22.05 -3.04
CA ILE B 381 18.62 -22.51 -1.67
C ILE B 381 18.87 -24.02 -1.61
N LYS B 382 18.21 -24.79 -2.48
CA LYS B 382 18.43 -26.23 -2.51
C LYS B 382 19.87 -26.57 -2.88
N PHE B 383 20.42 -25.85 -3.86
CA PHE B 383 21.79 -26.08 -4.33
C PHE B 383 22.82 -25.27 -3.57
N ALA B 384 22.44 -24.81 -2.37
CA ALA B 384 23.31 -24.00 -1.55
C ALA B 384 24.02 -24.86 -0.53
N ARG B 385 25.34 -24.68 -0.45
CA ARG B 385 26.17 -25.40 0.51
C ARG B 385 27.24 -24.47 1.05
N ILE B 386 27.62 -24.66 2.31
CA ILE B 386 28.83 -24.04 2.83
C ILE B 386 30.01 -24.90 2.39
N CYS B 387 31.11 -24.25 2.07
CA CYS B 387 32.32 -24.94 1.73
C CYS B 387 33.50 -24.01 1.88
N GLU B 388 34.69 -24.60 2.07
CA GLU B 388 35.87 -23.82 2.42
C GLU B 388 36.52 -23.22 1.19
N VAL B 389 37.04 -22.01 1.35
CA VAL B 389 37.75 -21.31 0.29
C VAL B 389 39.14 -20.94 0.77
N GLU B 390 40.13 -21.03 -0.11
CA GLU B 390 41.50 -20.66 0.21
C GLU B 390 42.13 -19.72 -0.80
N TYR B 391 42.47 -18.52 -0.34
CA TYR B 391 43.33 -17.62 -1.10
C TYR B 391 44.62 -17.33 -0.33
N LYS B 392 45.75 -17.48 -1.02
CA LYS B 392 47.07 -17.31 -0.44
C LYS B 392 47.57 -15.87 -0.52
N VAL B 393 47.76 -15.26 0.65
CA VAL B 393 48.35 -13.92 0.75
C VAL B 393 49.56 -13.94 1.68
N LYS B 397 52.42 -13.04 4.23
CA LYS B 397 53.19 -13.27 3.01
C LYS B 397 53.03 -14.69 2.48
N THR B 398 53.59 -15.66 3.18
CA THR B 398 53.58 -17.06 2.75
C THR B 398 52.30 -17.81 3.13
N TYR B 399 51.57 -17.27 4.10
CA TYR B 399 50.40 -17.95 4.66
C TYR B 399 49.23 -18.01 3.66
N ILE B 400 48.41 -19.04 3.81
CA ILE B 400 47.19 -19.22 3.03
C ILE B 400 45.97 -19.01 3.93
N ARG B 401 45.01 -18.22 3.48
CA ARG B 401 43.84 -17.91 4.28
C ARG B 401 42.73 -18.91 3.96
N LYS B 402 41.99 -19.37 4.98
CA LYS B 402 40.92 -20.34 4.79
C LYS B 402 39.61 -19.86 5.42
N VAL B 403 38.54 -19.78 4.62
CA VAL B 403 37.25 -19.28 5.14
C VAL B 403 36.04 -20.04 4.61
N LYS B 404 34.96 -20.04 5.40
CA LYS B 404 33.72 -20.72 5.05
C LYS B 404 32.72 -19.74 4.44
N HIS B 405 32.61 -19.75 3.11
CA HIS B 405 31.63 -18.91 2.42
C HIS B 405 30.42 -19.76 1.99
N ILE B 406 29.34 -19.09 1.60
CA ILE B 406 28.19 -19.76 1.02
C ILE B 406 28.40 -19.93 -0.46
N CYS B 407 28.21 -21.16 -0.94
CA CYS B 407 28.49 -21.47 -2.33
C CYS B 407 27.38 -22.27 -2.97
N SER B 408 27.31 -22.17 -4.30
CA SER B 408 26.26 -22.80 -5.07
C SER B 408 26.90 -23.59 -6.20
N ARG B 409 26.25 -24.68 -6.59
CA ARG B 409 26.79 -25.55 -7.64
C ARG B 409 27.08 -24.73 -8.90
N GLU B 410 28.26 -24.97 -9.46
CA GLU B 410 28.77 -24.23 -10.61
C GLU B 410 27.80 -24.21 -11.79
N LYS B 411 27.00 -25.27 -11.91
CA LYS B 411 26.06 -25.43 -13.00
C LYS B 411 24.79 -24.59 -12.83
N GLU B 412 24.67 -23.94 -11.67
CA GLU B 412 23.60 -22.98 -11.41
C GLU B 412 24.11 -21.55 -11.63
N VAL B 413 25.00 -21.38 -12.60
CA VAL B 413 25.52 -20.06 -12.90
C VAL B 413 24.52 -19.29 -13.77
N GLY B 414 23.75 -20.04 -14.56
CA GLY B 414 22.74 -19.44 -15.41
C GLY B 414 21.68 -18.78 -14.55
N ASN B 415 21.44 -19.35 -13.37
CA ASN B 415 20.53 -18.73 -12.41
C ASN B 415 20.97 -17.34 -12.01
N LEU B 416 22.24 -17.21 -11.63
CA LEU B 416 22.74 -15.92 -11.20
C LEU B 416 22.68 -14.91 -12.32
N TYR B 417 22.89 -15.37 -13.56
CA TYR B 417 22.70 -14.52 -14.72
C TYR B 417 21.25 -14.02 -14.73
N ASP B 418 20.31 -14.86 -14.31
CA ASP B 418 18.91 -14.46 -14.31
C ASP B 418 18.68 -13.40 -13.24
N MET B 419 19.28 -13.57 -12.06
CA MET B 419 19.13 -12.60 -10.98
C MET B 419 19.65 -11.23 -11.39
N PHE B 420 20.83 -11.20 -11.99
CA PHE B 420 21.46 -9.93 -12.33
C PHE B 420 20.71 -9.27 -13.49
N HIS B 421 20.04 -10.07 -14.31
CA HIS B 421 19.20 -9.53 -15.37
C HIS B 421 18.04 -8.73 -14.77
N THR B 422 17.29 -9.35 -13.87
CA THR B 422 16.16 -8.67 -13.23
C THR B 422 16.67 -7.50 -12.39
N ARG B 423 17.85 -7.66 -11.80
CA ARG B 423 18.49 -6.59 -11.02
C ARG B 423 18.68 -5.33 -11.86
N ASN B 424 19.27 -5.49 -13.04
CA ASN B 424 19.45 -4.35 -13.96
C ASN B 424 18.10 -3.92 -14.50
N CYS B 425 17.24 -4.90 -14.77
CA CYS B 425 15.91 -4.62 -15.29
C CYS B 425 15.18 -3.69 -14.35
N LEU B 426 15.24 -3.98 -13.06
CA LEU B 426 14.57 -3.15 -12.06
C LEU B 426 15.25 -1.80 -11.91
N HIS B 427 16.57 -1.81 -11.78
CA HIS B 427 17.30 -0.56 -11.64
C HIS B 427 17.04 0.35 -12.83
N ARG B 428 17.19 -0.18 -14.04
CA ARG B 428 17.00 0.61 -15.25
C ARG B 428 15.56 1.10 -15.40
N ARG B 429 14.59 0.19 -15.30
CA ARG B 429 13.19 0.53 -15.57
C ARG B 429 12.50 1.29 -14.44
N ALA B 430 12.78 0.93 -13.19
CA ALA B 430 11.95 1.39 -12.08
C ALA B 430 12.68 2.25 -11.06
N TYR B 431 13.81 1.76 -10.57
CA TYR B 431 14.48 2.41 -9.45
C TYR B 431 15.03 3.78 -9.80
N GLN B 432 15.81 3.88 -10.88
CA GLN B 432 16.33 5.18 -11.27
C GLN B 432 15.43 5.83 -12.32
N HIS B 433 14.12 5.65 -12.16
CA HIS B 433 13.13 6.22 -13.07
C HIS B 433 13.09 7.73 -12.94
N LYS B 434 13.16 8.42 -14.09
CA LYS B 434 13.35 9.87 -14.13
C LYS B 434 12.26 10.68 -13.40
N ILE B 435 11.02 10.18 -13.39
CA ILE B 435 9.93 10.86 -12.73
C ILE B 435 9.83 10.51 -11.25
N SER B 436 9.90 9.22 -10.93
CA SER B 436 9.88 8.76 -9.55
C SER B 436 10.86 9.57 -8.72
N ASN B 437 12.06 9.70 -9.26
CA ASN B 437 13.12 10.43 -8.60
C ASN B 437 12.77 11.90 -8.50
N LEU B 438 12.12 12.42 -9.53
CA LEU B 438 11.64 13.79 -9.52
C LEU B 438 10.74 14.01 -8.33
N ILE B 439 9.81 13.09 -8.14
CA ILE B 439 8.89 13.16 -7.01
C ILE B 439 9.62 13.05 -5.68
N ASP B 440 10.59 12.14 -5.60
CA ASP B 440 11.41 12.06 -4.39
C ASP B 440 12.11 13.40 -4.12
N ILE B 441 12.64 14.02 -5.17
CA ILE B 441 13.31 15.31 -5.05
C ILE B 441 12.37 16.41 -4.58
N MET B 442 11.16 16.44 -5.14
CA MET B 442 10.17 17.43 -4.74
C MET B 442 9.72 17.21 -3.30
N ILE B 443 9.49 15.97 -2.91
CA ILE B 443 9.10 15.68 -1.53
C ILE B 443 10.23 16.11 -0.61
N THR B 444 11.45 15.77 -0.97
CA THR B 444 12.61 16.22 -0.22
C THR B 444 12.59 17.74 -0.08
N ASP B 445 12.45 18.43 -1.20
CA ASP B 445 12.38 19.89 -1.22
C ASP B 445 11.33 20.39 -0.24
N ALA B 446 10.16 19.75 -0.25
CA ALA B 446 9.09 20.12 0.68
C ALA B 446 9.49 19.91 2.14
N PHE B 447 10.01 18.72 2.43
CA PHE B 447 10.43 18.39 3.79
C PHE B 447 11.43 19.40 4.29
N LEU B 448 12.42 19.74 3.47
CA LEU B 448 13.41 20.73 3.83
C LEU B 448 12.76 22.04 4.26
N LYS B 449 11.78 22.49 3.50
CA LYS B 449 11.11 23.75 3.79
C LYS B 449 10.13 23.60 4.95
N ALA B 450 9.73 22.37 5.25
CA ALA B 450 8.90 22.13 6.42
C ALA B 450 9.73 21.86 7.66
N ASP B 451 10.96 21.41 7.48
CA ASP B 451 11.77 20.90 8.58
C ASP B 451 11.84 21.79 9.82
N PRO B 452 12.02 23.11 9.65
CA PRO B 452 12.16 24.03 10.79
C PRO B 452 10.96 24.09 11.74
N TYR B 453 9.76 23.85 11.21
CA TYR B 453 8.54 24.14 11.96
C TYR B 453 7.80 22.90 12.46
N VAL B 454 8.09 21.74 11.87
CA VAL B 454 7.46 20.50 12.28
C VAL B 454 8.05 19.96 13.55
N GLU B 455 7.21 19.81 14.59
CA GLU B 455 7.64 19.23 15.85
C GLU B 455 7.30 17.75 15.94
N ILE B 456 8.23 16.96 16.44
CA ILE B 456 8.02 15.54 16.70
C ILE B 456 8.63 15.21 18.05
N THR B 457 7.80 14.82 19.01
CA THR B 457 8.27 14.59 20.37
C THR B 457 8.91 13.21 20.53
N GLY B 458 10.03 13.17 21.23
CA GLY B 458 10.73 11.94 21.52
C GLY B 458 10.67 11.59 22.99
N THR B 459 11.75 11.00 23.51
CA THR B 459 11.81 10.57 24.90
C THR B 459 11.78 11.76 25.83
N ALA B 460 10.96 11.66 26.87
CA ALA B 460 10.72 12.78 27.81
C ALA B 460 10.00 13.95 27.13
N GLY B 461 9.44 13.69 25.96
CA GLY B 461 8.63 14.68 25.27
C GLY B 461 9.42 15.86 24.71
N LYS B 462 10.73 15.70 24.62
CA LYS B 462 11.58 16.69 23.98
C LYS B 462 11.27 16.73 22.49
N LYS B 463 11.06 17.93 21.95
CA LYS B 463 10.62 18.10 20.57
C LYS B 463 11.78 17.92 19.60
N PHE B 464 11.51 17.26 18.48
CA PHE B 464 12.49 17.05 17.43
C PHE B 464 11.96 17.50 16.07
N ARG B 465 12.85 17.88 15.17
CA ARG B 465 12.48 18.24 13.82
C ARG B 465 12.61 17.01 12.97
N ILE B 466 12.00 17.03 11.80
CA ILE B 466 12.04 15.89 10.88
C ILE B 466 13.47 15.41 10.68
N SER B 467 14.38 16.35 10.53
CA SER B 467 15.78 16.03 10.26
C SER B 467 16.52 15.43 11.47
N THR B 468 16.05 15.71 12.67
CA THR B 468 16.73 15.25 13.89
C THR B 468 15.99 14.12 14.61
N ALA B 469 14.86 13.69 14.05
CA ALA B 469 14.11 12.59 14.64
C ALA B 469 14.96 11.33 14.64
N ILE B 470 15.86 11.23 13.68
CA ILE B 470 16.79 10.11 13.60
C ILE B 470 17.68 10.01 14.83
N ASP B 471 17.74 11.09 15.62
CA ASP B 471 18.60 11.11 16.80
C ASP B 471 17.91 10.51 18.02
N ASP B 472 16.59 10.42 17.99
CA ASP B 472 15.80 9.88 19.08
C ASP B 472 14.80 8.85 18.55
N MET B 473 14.99 7.58 18.94
CA MET B 473 14.18 6.48 18.40
C MET B 473 12.69 6.61 18.74
N GLU B 474 12.39 7.21 19.89
CA GLU B 474 11.01 7.32 20.32
C GLU B 474 10.30 8.42 19.53
N ALA B 475 11.08 9.32 18.95
CA ALA B 475 10.56 10.27 17.97
C ALA B 475 10.47 9.61 16.62
N PHE B 476 11.58 9.05 16.17
CA PHE B 476 11.67 8.40 14.88
C PHE B 476 10.61 7.30 14.70
N THR B 477 10.18 6.71 15.81
CA THR B 477 9.15 5.67 15.74
C THR B 477 7.85 6.25 15.16
N LYS B 478 7.66 7.56 15.33
CA LYS B 478 6.43 8.24 14.90
C LYS B 478 6.55 8.84 13.50
N LEU B 479 7.76 8.84 12.95
CA LEU B 479 8.01 9.48 11.66
C LEU B 479 7.77 8.52 10.49
N THR B 480 6.73 8.76 9.71
CA THR B 480 6.32 7.86 8.62
C THR B 480 5.95 8.64 7.35
N ASP B 481 5.49 7.94 6.33
CA ASP B 481 5.04 8.61 5.12
C ASP B 481 3.93 9.60 5.41
N ASN B 482 3.17 9.34 6.47
CA ASN B 482 2.00 10.14 6.83
C ASN B 482 2.36 11.61 6.98
N ILE B 483 3.62 11.87 7.35
CA ILE B 483 4.11 13.22 7.53
C ILE B 483 3.85 14.05 6.27
N PHE B 484 3.82 13.38 5.12
CA PHE B 484 3.41 13.99 3.86
C PHE B 484 2.08 14.69 4.00
N LEU B 485 1.08 13.96 4.49
CA LEU B 485 -0.28 14.48 4.56
C LEU B 485 -0.43 15.44 5.72
N GLU B 486 0.36 15.21 6.75
CA GLU B 486 0.35 16.07 7.91
C GLU B 486 0.71 17.50 7.50
N VAL B 487 1.84 17.64 6.82
CA VAL B 487 2.26 18.92 6.28
C VAL B 487 1.18 19.52 5.35
N LEU B 488 0.79 18.74 4.35
CA LEU B 488 -0.16 19.19 3.33
C LEU B 488 -1.44 19.75 3.93
N HIS B 489 -1.88 19.15 5.03
CA HIS B 489 -3.15 19.52 5.64
C HIS B 489 -2.98 20.47 6.84
N SER B 490 -1.75 20.90 7.13
CA SER B 490 -1.48 21.71 8.32
C SER B 490 -2.04 23.12 8.20
N THR B 491 -2.50 23.66 9.33
CA THR B 491 -3.05 25.01 9.38
C THR B 491 -1.97 26.02 9.75
N ASP B 492 -0.83 25.52 10.20
CA ASP B 492 0.31 26.37 10.52
C ASP B 492 0.72 27.16 9.27
N PRO B 493 0.74 28.50 9.37
CA PRO B 493 1.00 29.25 8.14
C PRO B 493 2.48 29.31 7.79
N GLN B 494 3.31 28.71 8.61
CA GLN B 494 4.74 28.72 8.36
C GLN B 494 5.09 27.65 7.36
N LEU B 495 4.16 26.73 7.13
CA LEU B 495 4.40 25.62 6.21
C LEU B 495 3.83 25.93 4.84
N SER B 496 3.37 27.16 4.64
CA SER B 496 2.80 27.57 3.37
C SER B 496 3.75 27.27 2.21
N GLU B 497 5.05 27.48 2.43
CA GLU B 497 6.06 27.16 1.41
C GLU B 497 6.11 25.67 1.13
N ALA B 498 6.14 24.88 2.20
CA ALA B 498 6.24 23.44 2.05
C ALA B 498 4.97 22.85 1.46
N GLN B 499 3.83 23.37 1.89
CA GLN B 499 2.53 22.91 1.42
C GLN B 499 2.40 23.06 -0.07
N SER B 500 2.67 24.27 -0.56
CA SER B 500 2.52 24.58 -1.97
C SER B 500 3.29 23.60 -2.85
N ILE B 501 4.43 23.13 -2.37
CA ILE B 501 5.19 22.10 -3.09
C ILE B 501 4.42 20.78 -3.12
N LEU B 502 3.78 20.43 -2.00
CA LEU B 502 3.07 19.17 -1.92
C LEU B 502 1.78 19.20 -2.76
N ARG B 503 1.17 20.37 -2.86
CA ARG B 503 -0.02 20.54 -3.70
C ARG B 503 0.32 20.42 -5.18
N ASN B 504 1.51 20.90 -5.55
CA ASN B 504 1.98 20.74 -6.92
C ASN B 504 2.18 19.27 -7.24
N ILE B 505 2.69 18.50 -6.28
CA ILE B 505 2.80 17.06 -6.46
C ILE B 505 1.40 16.47 -6.62
N GLU B 506 0.45 16.99 -5.83
CA GLU B 506 -0.93 16.52 -5.87
C GLU B 506 -1.59 16.80 -7.22
N CYS B 507 -1.31 17.98 -7.79
CA CYS B 507 -1.93 18.39 -9.06
C CYS B 507 -1.03 18.12 -10.24
N ARG B 508 -0.04 17.25 -10.03
CA ARG B 508 0.88 16.83 -11.06
C ARG B 508 1.48 18.02 -11.79
N ASN B 509 1.93 18.97 -11.00
CA ASN B 509 2.57 20.18 -11.49
C ASN B 509 4.04 20.14 -11.11
N LEU B 510 4.75 19.15 -11.65
CA LEU B 510 6.12 18.85 -11.24
C LEU B 510 7.16 19.67 -12.00
N TYR B 511 8.36 19.77 -11.44
CA TYR B 511 9.47 20.41 -12.15
C TYR B 511 9.61 19.67 -13.46
N LYS B 512 9.90 20.38 -14.56
CA LYS B 512 10.00 19.65 -15.83
C LYS B 512 11.42 19.22 -16.13
N TYR B 513 11.48 18.02 -16.70
CA TYR B 513 12.69 17.27 -16.92
C TYR B 513 13.29 17.63 -18.26
N LEU B 514 14.44 18.30 -18.22
CA LEU B 514 15.08 18.81 -19.41
C LEU B 514 15.79 17.70 -20.18
N GLY B 515 16.24 16.68 -19.46
CA GLY B 515 16.91 15.56 -20.08
C GLY B 515 18.03 14.96 -19.26
N GLU B 516 18.59 13.90 -19.86
CA GLU B 516 19.65 13.07 -19.29
C GLU B 516 20.96 13.33 -19.99
N THR B 517 22.08 13.15 -19.28
CA THR B 517 23.39 13.18 -19.92
C THR B 517 24.39 12.26 -19.20
N GLN B 518 25.48 11.96 -19.91
CA GLN B 518 26.51 11.07 -19.44
C GLN B 518 27.88 11.76 -19.52
N PRO B 519 28.74 11.52 -18.51
CA PRO B 519 30.10 12.04 -18.64
C PRO B 519 30.94 11.08 -19.47
N LYS B 520 31.61 11.58 -20.49
CA LYS B 520 32.36 10.75 -21.39
C LYS B 520 33.47 10.01 -20.63
N ARG B 521 34.14 10.74 -19.75
CA ARG B 521 35.12 10.14 -18.85
C ARG B 521 35.09 10.85 -17.51
N GLU B 522 35.87 10.33 -16.56
CA GLU B 522 35.86 10.81 -15.19
C GLU B 522 34.51 10.59 -14.52
N LYS B 523 34.30 11.28 -13.41
CA LYS B 523 33.06 11.24 -12.67
C LYS B 523 32.91 12.62 -12.03
N ILE B 524 31.88 12.79 -11.22
CA ILE B 524 31.67 14.07 -10.55
C ILE B 524 31.97 13.89 -9.07
N ARG B 525 32.95 14.64 -8.59
CA ARG B 525 33.33 14.61 -7.18
C ARG B 525 32.10 14.82 -6.32
N LYS B 526 31.94 13.95 -5.32
CA LYS B 526 30.83 14.04 -4.38
C LYS B 526 30.70 15.46 -3.81
N GLU B 527 31.82 16.18 -3.76
CA GLU B 527 31.86 17.56 -3.29
C GLU B 527 31.29 18.51 -4.34
N GLU B 528 31.53 18.18 -5.60
CA GLU B 528 31.25 19.07 -6.72
C GLU B 528 29.77 19.30 -7.00
N TYR B 529 28.91 18.50 -6.37
CA TYR B 529 27.49 18.51 -6.71
C TYR B 529 26.80 19.87 -6.52
N GLU B 530 26.98 20.47 -5.35
CA GLU B 530 26.30 21.73 -5.03
C GLU B 530 26.58 22.83 -6.04
N ARG B 531 27.71 22.74 -6.74
CA ARG B 531 28.05 23.72 -7.76
C ARG B 531 27.14 23.61 -8.96
N LEU B 532 26.73 22.38 -9.29
CA LEU B 532 26.16 22.07 -10.60
C LEU B 532 24.94 22.92 -10.97
N PRO B 533 23.99 23.11 -10.03
CA PRO B 533 22.87 23.97 -10.41
C PRO B 533 23.33 25.38 -10.78
N GLN B 534 24.37 25.86 -10.10
CA GLN B 534 24.97 27.13 -10.48
C GLN B 534 25.51 27.03 -11.89
N GLU B 535 26.40 26.06 -12.11
CA GLU B 535 27.09 25.91 -13.38
C GLU B 535 26.11 25.93 -14.55
N VAL B 536 25.02 25.19 -14.38
CA VAL B 536 23.99 25.13 -15.40
C VAL B 536 23.37 26.50 -15.60
N ALA B 537 23.17 27.22 -14.50
CA ALA B 537 22.56 28.54 -14.57
C ALA B 537 23.42 29.53 -15.35
N LYS B 538 24.69 29.64 -14.98
CA LYS B 538 25.59 30.62 -15.57
C LYS B 538 25.94 30.31 -17.02
N ALA B 539 26.04 29.02 -17.35
CA ALA B 539 26.31 28.63 -18.73
C ALA B 539 25.21 29.14 -19.66
N LYS B 540 25.57 30.04 -20.56
CA LYS B 540 24.63 30.68 -21.48
C LYS B 540 24.87 30.27 -22.94
N PRO B 541 23.79 30.25 -23.76
CA PRO B 541 23.92 29.84 -25.16
C PRO B 541 24.45 30.95 -26.08
N VAL B 547 17.23 35.76 -20.67
CA VAL B 547 16.37 35.58 -19.51
C VAL B 547 17.20 35.30 -18.25
N GLU B 548 16.76 35.83 -17.13
CA GLU B 548 17.37 35.56 -15.84
C GLU B 548 16.98 34.15 -15.37
N LEU B 549 17.99 33.35 -15.06
CA LEU B 549 17.78 31.99 -14.58
C LEU B 549 18.65 31.71 -13.38
N LYS B 550 18.03 31.75 -12.20
CA LYS B 550 18.75 31.56 -10.95
C LYS B 550 19.22 30.12 -10.80
N ALA B 551 20.27 29.91 -10.00
CA ALA B 551 20.83 28.59 -9.79
C ALA B 551 19.81 27.68 -9.09
N GLU B 552 18.90 28.32 -8.35
CA GLU B 552 17.86 27.61 -7.62
C GLU B 552 16.86 26.99 -8.57
N ASP B 553 16.69 27.63 -9.72
CA ASP B 553 15.71 27.19 -10.71
C ASP B 553 16.05 25.83 -11.32
N PHE B 554 17.25 25.34 -11.03
CA PHE B 554 17.70 24.04 -11.54
C PHE B 554 17.96 23.04 -10.42
N ILE B 555 17.66 21.78 -10.70
CA ILE B 555 18.21 20.67 -9.91
C ILE B 555 18.97 19.76 -10.85
N VAL B 556 20.20 19.43 -10.47
CA VAL B 556 20.97 18.41 -11.16
C VAL B 556 20.98 17.17 -10.27
N ASP B 557 20.62 16.05 -10.87
CA ASP B 557 20.47 14.79 -10.17
C ASP B 557 21.50 13.81 -10.71
N VAL B 558 22.52 13.55 -9.91
CA VAL B 558 23.58 12.61 -10.26
C VAL B 558 23.22 11.22 -9.75
N ILE B 559 23.39 10.22 -10.60
CA ILE B 559 23.02 8.84 -10.28
C ILE B 559 24.14 7.87 -10.63
N ASN B 560 24.54 7.02 -9.67
CA ASN B 560 25.62 6.07 -9.92
C ASN B 560 25.14 4.63 -10.14
N VAL B 561 25.18 4.21 -11.40
CA VAL B 561 24.76 2.86 -11.80
C VAL B 561 25.91 1.89 -11.57
N ASP B 562 25.59 0.60 -11.43
CA ASP B 562 26.61 -0.43 -11.27
C ASP B 562 26.28 -1.64 -12.13
N VAL B 574 31.42 -13.94 -5.72
CA VAL B 574 30.65 -15.17 -5.58
C VAL B 574 31.54 -16.38 -5.83
N HIS B 575 31.24 -17.48 -5.14
CA HIS B 575 32.04 -18.69 -5.21
C HIS B 575 31.17 -19.93 -5.44
N PHE B 576 31.71 -20.90 -6.18
CA PHE B 576 30.97 -22.11 -6.53
C PHE B 576 31.66 -23.36 -5.98
N TYR B 577 30.94 -24.49 -6.01
CA TYR B 577 31.49 -25.78 -5.59
C TYR B 577 31.33 -26.84 -6.65
N GLU B 603 28.50 3.31 -14.26
CA GLU B 603 28.52 4.60 -14.96
C GLU B 603 28.00 5.72 -14.07
N GLN B 604 27.85 6.90 -14.68
CA GLN B 604 27.23 8.04 -14.01
C GLN B 604 26.15 8.59 -14.92
N LEU B 605 24.98 8.87 -14.34
CA LEU B 605 23.85 9.42 -15.07
C LEU B 605 23.46 10.77 -14.48
N ILE B 606 23.30 11.77 -15.32
CA ILE B 606 22.97 13.11 -14.85
C ILE B 606 21.65 13.58 -15.46
N ARG B 607 20.66 13.82 -14.59
CA ARG B 607 19.38 14.38 -15.03
C ARG B 607 19.24 15.81 -14.58
N VAL B 608 18.80 16.69 -15.49
CA VAL B 608 18.56 18.08 -15.09
C VAL B 608 17.08 18.43 -15.14
N TYR B 609 16.58 18.94 -14.02
CA TYR B 609 15.20 19.43 -13.95
C TYR B 609 15.19 20.93 -13.71
N CYS B 610 14.22 21.61 -14.31
CA CYS B 610 14.04 23.04 -14.10
C CYS B 610 12.75 23.31 -13.34
N LYS B 611 12.84 24.12 -12.29
CA LYS B 611 11.68 24.44 -11.46
C LYS B 611 10.71 25.39 -12.17
N LYS B 612 11.23 26.40 -12.84
CA LYS B 612 10.39 27.37 -13.56
C LYS B 612 9.70 26.68 -14.73
N LYS B 613 8.38 26.79 -14.76
CA LYS B 613 7.56 25.99 -15.68
C LYS B 613 6.93 26.80 -16.83
N ASP B 614 7.33 28.05 -17.01
CA ASP B 614 6.86 28.84 -18.15
C ASP B 614 7.69 28.51 -19.39
N GLY B 615 7.11 28.73 -20.57
CA GLY B 615 7.71 28.31 -21.83
C GLY B 615 9.09 28.90 -22.14
N LYS B 616 9.19 30.21 -22.04
CA LYS B 616 10.40 30.92 -22.40
C LYS B 616 11.56 30.50 -21.49
N SER B 617 11.30 30.47 -20.20
CA SER B 617 12.29 30.01 -19.22
C SER B 617 12.67 28.55 -19.48
N LEU B 618 11.70 27.74 -19.89
CA LEU B 618 11.96 26.34 -20.19
C LEU B 618 12.90 26.21 -21.38
N ASP B 619 12.64 26.96 -22.45
CA ASP B 619 13.54 26.98 -23.60
C ASP B 619 14.95 27.42 -23.19
N ALA B 620 15.02 28.55 -22.51
CA ALA B 620 16.29 29.09 -22.03
C ALA B 620 17.04 28.03 -21.22
N ALA B 621 16.32 27.39 -20.31
CA ALA B 621 16.92 26.38 -19.43
C ALA B 621 17.41 25.17 -20.23
N GLY B 622 16.59 24.73 -21.19
CA GLY B 622 16.98 23.61 -22.05
C GLY B 622 18.29 23.88 -22.74
N LYS B 623 18.39 25.05 -23.37
CA LYS B 623 19.62 25.36 -24.09
C LYS B 623 20.79 25.65 -23.14
N HIS B 624 20.49 26.20 -21.96
CA HIS B 624 21.51 26.30 -20.90
C HIS B 624 22.10 24.93 -20.63
N PHE B 625 21.22 23.96 -20.43
CA PHE B 625 21.62 22.58 -20.18
C PHE B 625 22.44 22.00 -21.32
N VAL B 626 21.96 22.14 -22.55
CA VAL B 626 22.72 21.67 -23.70
C VAL B 626 24.13 22.27 -23.71
N GLN B 627 24.22 23.58 -23.49
CA GLN B 627 25.50 24.26 -23.53
C GLN B 627 26.40 23.80 -22.39
N TRP B 628 25.81 23.62 -21.21
CA TRP B 628 26.55 23.10 -20.06
C TRP B 628 27.12 21.73 -20.38
N CYS B 629 26.31 20.90 -21.04
CA CYS B 629 26.77 19.58 -21.48
C CYS B 629 27.93 19.68 -22.46
N ALA B 630 27.76 20.51 -23.49
CA ALA B 630 28.83 20.72 -24.47
C ALA B 630 30.13 21.19 -23.81
N LEU B 631 30.01 22.13 -22.87
CA LEU B 631 31.17 22.73 -22.23
C LEU B 631 31.99 21.71 -21.43
N ARG B 632 31.32 20.89 -20.64
CA ARG B 632 32.00 19.86 -19.83
C ARG B 632 32.35 18.63 -20.68
N ASP B 633 32.13 18.72 -21.98
CA ASP B 633 32.36 17.62 -22.90
C ASP B 633 31.53 16.40 -22.45
N PHE B 634 30.24 16.65 -22.28
CA PHE B 634 29.29 15.60 -21.91
C PHE B 634 28.51 15.16 -23.15
N THR B 635 27.89 13.99 -23.03
CA THR B 635 27.05 13.44 -24.08
C THR B 635 25.98 14.45 -24.51
N LYS B 636 25.59 14.39 -25.77
CA LYS B 636 24.46 15.19 -26.25
C LYS B 636 23.21 14.74 -25.48
N PRO B 637 22.49 15.70 -24.86
CA PRO B 637 21.34 15.34 -24.03
C PRO B 637 20.31 14.41 -24.69
N GLN B 638 19.86 13.41 -23.93
CA GLN B 638 18.91 12.37 -24.36
C GLN B 638 18.33 12.51 -25.77
MG MG C . -14.91 -0.54 -6.39
PG DGT D . 4.40 13.99 -20.09
O1G DGT D . 3.80 12.79 -20.85
O2G DGT D . 3.39 14.65 -19.17
O3G DGT D . 4.89 15.06 -21.05
O3B DGT D . 5.67 13.48 -19.20
PB DGT D . 5.60 12.21 -18.30
O1B DGT D . 4.65 11.17 -18.84
O2B DGT D . 7.02 11.67 -18.24
O3A DGT D . 5.21 12.65 -16.80
PA DGT D . 3.89 12.34 -15.93
O1A DGT D . 2.77 13.24 -16.28
O2A DGT D . 4.19 12.55 -14.49
O5' DGT D . 3.51 10.82 -16.09
C5' DGT D . 4.59 9.85 -16.06
C4' DGT D . 3.94 8.51 -15.59
O4' DGT D . 3.56 8.63 -14.37
C3' DGT D . 2.67 8.26 -16.34
O3' DGT D . 2.84 7.55 -17.45
C2' DGT D . 1.76 7.49 -15.36
C1' DGT D . 2.43 7.50 -14.21
N9 DGT D . 1.56 7.81 -13.12
C8 DGT D . 1.38 7.10 -12.02
N7 DGT D . 0.52 7.71 -11.20
C5 DGT D . 0.15 8.87 -11.80
C6 DGT D . -0.72 9.95 -11.46
O6 DGT D . -1.42 9.93 -10.25
N1 DGT D . -0.86 10.98 -12.33
C2 DGT D . -0.22 11.02 -13.49
N2 DGT D . -0.39 12.12 -14.35
N3 DGT D . 0.60 10.03 -13.83
C4 DGT D . 0.81 8.95 -13.03
PG DGT E . -4.30 -17.20 17.21
O1G DGT E . -3.47 -16.16 17.91
O2G DGT E . -4.88 -18.22 18.20
O3G DGT E . -3.51 -17.96 16.13
O3B DGT E . -5.57 -16.42 16.60
PB DGT E . -5.40 -15.59 15.23
O1B DGT E . -6.70 -15.70 14.48
O2B DGT E . -4.28 -16.13 14.38
O3A DGT E . -5.19 -14.08 15.66
PA DGT E . -3.98 -13.08 15.24
O1A DGT E . -4.52 -11.67 15.32
O2A DGT E . -2.82 -13.18 16.19
O5' DGT E . -3.47 -13.41 13.77
C5' DGT E . -4.44 -13.59 12.70
C4' DGT E . -3.69 -13.51 11.32
O4' DGT E . -3.34 -12.27 11.15
C3' DGT E . -2.42 -14.33 11.29
O3' DGT E . -2.60 -15.37 10.46
C2' DGT E . -1.33 -13.43 10.71
C1' DGT E . -2.00 -12.34 10.28
N9 DGT E . -1.27 -11.12 10.47
C8 DGT E . -1.08 -10.19 9.55
N7 DGT E . -0.39 -9.15 10.05
C5 DGT E . -0.15 -9.42 11.37
C6 DGT E . 0.52 -8.75 12.45
O6 DGT E . 1.10 -7.52 12.25
N1 DGT E . 0.57 -9.35 13.66
C2 DGT E . 0.02 -10.53 13.89
N2 DGT E . 0.12 -11.10 15.17
N3 DGT E . -0.60 -11.18 12.91
C4 DGT E . -0.71 -10.68 11.65
MG MG F . 15.28 -4.64 2.47
#